data_6JEP
#
_entry.id   6JEP
#
_cell.length_a   66.463
_cell.length_b   126.984
_cell.length_c   70.353
_cell.angle_alpha   90.000
_cell.angle_beta   96.000
_cell.angle_gamma   90.000
#
_symmetry.space_group_name_H-M   'P 1 21 1'
#
loop_
_entity.id
_entity.type
_entity.pdbx_description
1 polymer 'heavy chain of Fab ZK2B10'
2 polymer 'light chain of Fab ZK2B10'
3 polymer 'Genome polyprotein'
4 water water
#
loop_
_entity_poly.entity_id
_entity_poly.type
_entity_poly.pdbx_seq_one_letter_code
_entity_poly.pdbx_strand_id
1 'polypeptide(L)'
;EVQLVQSGAEVKKPGASVKVSCKASGYTFTSGHTFPSYDINWVRQATGQGLEWMGWMNPNRGNTGYAQKFQGRVTMTRNT
SINTAYMELSSLRSEDTAVYYCARVRSGTNYGSYYYYYYGMDVWGQGTTVTVSSASTKGPSVFPLAPSSKSTSGGTAALG
CLVKDYFPEPVTVSWNSGALTSGVHTFPAVLQSSGLYSLSSVVTVPSSSLGTQTYICNVNHKPSNTKVDKRVEPK
;
H,K
2 'polypeptide(L)'
;SYELTQPPSASGTPGQRVTISCSGSSSNIGNNYVHWYQQLPGSAPKLLIYRNNQRPSGVPDRFSGSKSGTSGSLAISGLR
SEDEADYYCASWDDSLSGHWVFGGGTKVTVLGQPKAAPSVTLFPPSSEELQANKATLVCLISDFYPGAVTVAWKADSSPV
KAGVETTTPSKQSNNKYAASSYLSLTPEQWKSHRSYSCQVTHEGSTVEKTVAPT
;
L,I
3 'polypeptide(L)'
;VSYSLCTAAFTFTKIPAETLHGTVTVEVQYAGTDGPCKVPAQMAVDMQTLTPVGRLITANPVITESTENSKMMLELDPPF
GDSYIVIGVGEKKITHHWHRS
;
E,F
#
# COMPACT_ATOMS: atom_id res chain seq x y z
N GLU A 1 -32.66 25.70 2.66
CA GLU A 1 -32.34 26.43 3.89
C GLU A 1 -32.36 25.50 5.11
N VAL A 2 -33.50 24.87 5.38
CA VAL A 2 -33.55 23.92 6.47
C VAL A 2 -32.65 22.74 6.12
N GLN A 3 -31.85 22.29 7.08
CA GLN A 3 -30.85 21.28 6.83
C GLN A 3 -30.64 20.43 8.07
N LEU A 4 -30.51 19.13 7.87
CA LEU A 4 -30.11 18.21 8.92
C LEU A 4 -28.73 17.64 8.58
N VAL A 5 -27.75 17.88 9.43
CA VAL A 5 -26.37 17.46 9.19
C VAL A 5 -25.97 16.41 10.22
N GLN A 6 -25.60 15.25 9.72
CA GLN A 6 -25.30 14.10 10.55
C GLN A 6 -23.80 13.91 10.69
N SER A 7 -23.42 13.23 11.77
CA SER A 7 -22.05 12.85 12.06
C SER A 7 -21.53 11.82 11.04
N GLY A 8 -20.21 11.58 11.09
CA GLY A 8 -19.55 10.80 10.07
C GLY A 8 -19.72 9.29 10.22
N ALA A 9 -19.26 8.59 9.18
CA ALA A 9 -19.38 7.14 9.09
C ALA A 9 -18.82 6.46 10.33
N GLU A 10 -19.44 5.34 10.70
CA GLU A 10 -19.05 4.59 11.88
C GLU A 10 -18.78 3.13 11.53
N VAL A 11 -17.77 2.56 12.17
CA VAL A 11 -17.47 1.13 12.08
C VAL A 11 -17.41 0.55 13.49
N LYS A 12 -18.10 -0.57 13.69
CA LYS A 12 -18.23 -1.20 15.00
C LYS A 12 -18.16 -2.71 14.86
N LYS A 13 -17.80 -3.36 15.93
CA LYS A 13 -17.79 -4.81 16.09
C LYS A 13 -19.14 -5.29 16.60
N PRO A 14 -19.51 -6.53 16.30
CA PRO A 14 -20.73 -7.09 16.88
C PRO A 14 -20.70 -6.97 18.38
N GLY A 15 -21.82 -6.58 18.96
CA GLY A 15 -21.95 -6.37 20.37
C GLY A 15 -21.73 -4.94 20.81
N ALA A 16 -21.12 -4.12 19.97
CA ALA A 16 -20.80 -2.76 20.36
C ALA A 16 -22.05 -1.90 20.28
N SER A 17 -21.87 -0.59 20.48
CA SER A 17 -22.95 0.36 20.31
C SER A 17 -22.42 1.57 19.55
N VAL A 18 -23.33 2.32 18.95
CA VAL A 18 -22.99 3.47 18.11
C VAL A 18 -23.93 4.61 18.49
N LYS A 19 -23.41 5.84 18.47
CA LYS A 19 -24.21 7.02 18.72
C LYS A 19 -24.07 7.97 17.54
N VAL A 20 -25.17 8.23 16.85
CA VAL A 20 -25.17 9.07 15.67
C VAL A 20 -25.83 10.39 16.04
N SER A 21 -25.28 11.49 15.51
CA SER A 21 -25.80 12.81 15.81
C SER A 21 -26.41 13.45 14.57
N CYS A 22 -27.27 14.43 14.81
CA CYS A 22 -28.04 15.07 13.75
C CYS A 22 -28.25 16.53 14.15
N LYS A 23 -27.53 17.44 13.50
CA LYS A 23 -27.58 18.85 13.85
C LYS A 23 -28.55 19.59 12.93
N ALA A 24 -29.53 20.26 13.51
CA ALA A 24 -30.52 20.98 12.70
C ALA A 24 -30.12 22.43 12.49
N SER A 25 -30.50 22.97 11.32
CA SER A 25 -30.29 24.39 11.04
C SER A 25 -31.36 24.87 10.06
N GLY A 26 -31.50 26.20 10.00
CA GLY A 26 -32.51 26.82 9.17
C GLY A 26 -33.88 26.96 9.81
N TYR A 27 -34.10 26.37 10.98
CA TYR A 27 -35.32 26.62 11.72
C TYR A 27 -34.99 26.50 13.21
N THR A 28 -35.94 26.91 14.04
CA THR A 28 -35.74 26.86 15.48
C THR A 28 -36.03 25.45 15.96
N PHE A 29 -35.01 24.82 16.57
CA PHE A 29 -35.04 23.39 16.89
C PHE A 29 -36.18 23.07 17.86
N THR A 30 -36.49 23.96 18.79
CA THR A 30 -37.59 23.78 19.73
C THR A 30 -38.58 24.93 19.54
N SER A 31 -39.80 24.66 19.96
CA SER A 31 -40.91 25.58 19.70
C SER A 31 -40.81 26.83 20.55
N GLY A 32 -40.75 26.66 21.87
CA GLY A 32 -40.82 27.79 22.78
C GLY A 32 -42.14 28.50 22.68
N HIS A 33 -43.21 27.75 22.44
CA HIS A 33 -44.59 28.24 22.37
C HIS A 33 -44.82 29.22 21.22
N THR A 34 -43.81 29.46 20.38
CA THR A 34 -43.92 30.42 19.28
C THR A 34 -43.60 29.82 17.92
N PHE A 35 -42.56 28.94 17.83
CA PHE A 35 -42.18 28.52 16.48
C PHE A 35 -42.78 27.16 16.14
N PRO A 36 -43.03 26.91 14.85
CA PRO A 36 -43.60 25.61 14.45
C PRO A 36 -42.80 24.45 15.03
N SER A 37 -43.52 23.46 15.53
CA SER A 37 -42.91 22.37 16.27
C SER A 37 -42.56 21.23 15.33
N TYR A 38 -41.31 20.77 15.40
CA TYR A 38 -40.83 19.68 14.56
C TYR A 38 -40.17 18.62 15.41
N ASP A 39 -40.49 17.37 15.11
CA ASP A 39 -39.81 16.23 15.69
C ASP A 39 -38.65 15.78 14.79
N ILE A 40 -37.76 14.99 15.37
CA ILE A 40 -36.70 14.29 14.67
C ILE A 40 -37.03 12.80 14.71
N ASN A 41 -37.23 12.18 13.55
CA ASN A 41 -37.34 10.74 13.42
C ASN A 41 -36.05 10.17 12.83
N TRP A 42 -35.87 8.86 12.98
CA TRP A 42 -34.72 8.17 12.46
C TRP A 42 -35.21 7.00 11.62
N VAL A 43 -34.60 6.84 10.44
CA VAL A 43 -34.93 5.79 9.49
C VAL A 43 -33.61 5.24 8.95
N ARG A 44 -33.52 3.92 8.85
CA ARG A 44 -32.31 3.29 8.35
C ARG A 44 -32.63 2.49 7.10
N GLN A 45 -31.58 2.19 6.35
CA GLN A 45 -31.73 1.50 5.07
C GLN A 45 -30.45 0.72 4.77
N ALA A 46 -30.55 -0.60 4.78
CA ALA A 46 -29.43 -1.41 4.30
C ALA A 46 -29.30 -1.28 2.78
N THR A 47 -28.07 -1.43 2.29
CA THR A 47 -27.78 -1.24 0.86
C THR A 47 -28.68 -2.14 0.02
N GLY A 48 -29.31 -1.54 -0.97
CA GLY A 48 -30.22 -2.25 -1.83
C GLY A 48 -31.53 -2.66 -1.20
N GLN A 49 -31.83 -2.18 0.00
CA GLN A 49 -33.06 -2.54 0.69
C GLN A 49 -33.91 -1.30 0.95
N GLY A 50 -35.08 -1.51 1.56
CA GLY A 50 -36.06 -0.47 1.74
C GLY A 50 -35.80 0.39 2.96
N LEU A 51 -36.78 1.21 3.30
CA LEU A 51 -36.68 2.08 4.47
C LEU A 51 -37.26 1.37 5.70
N GLU A 52 -36.63 1.57 6.85
CA GLU A 52 -37.03 0.92 8.08
C GLU A 52 -37.08 1.95 9.20
N TRP A 53 -38.25 2.12 9.80
CA TRP A 53 -38.44 3.14 10.80
C TRP A 53 -37.86 2.66 12.12
N MET A 54 -37.19 3.58 12.83
CA MET A 54 -36.60 3.27 14.12
C MET A 54 -37.30 3.96 15.29
N GLY A 55 -37.70 5.21 15.13
CA GLY A 55 -38.37 5.88 16.23
C GLY A 55 -38.44 7.36 15.97
N TRP A 56 -39.19 8.04 16.85
CA TRP A 56 -39.40 9.49 16.81
C TRP A 56 -38.99 10.11 18.12
N MET A 57 -38.59 11.38 18.05
CA MET A 57 -38.20 12.12 19.24
C MET A 57 -38.68 13.56 19.10
N ASN A 58 -39.51 14.01 20.05
CA ASN A 58 -39.90 15.41 20.10
C ASN A 58 -38.87 16.17 20.92
N PRO A 59 -38.08 17.08 20.32
CA PRO A 59 -37.00 17.74 21.06
C PRO A 59 -37.48 18.78 22.06
N ASN A 60 -38.77 19.08 22.10
CA ASN A 60 -39.27 20.05 23.06
C ASN A 60 -39.15 19.50 24.49
N ARG A 61 -39.85 18.41 24.79
CA ARG A 61 -39.71 17.74 26.08
C ARG A 61 -38.78 16.52 26.03
N GLY A 62 -38.41 16.05 24.85
CA GLY A 62 -37.56 14.88 24.78
C GLY A 62 -38.28 13.56 24.85
N ASN A 63 -39.61 13.56 24.82
CA ASN A 63 -40.33 12.30 24.80
C ASN A 63 -40.10 11.60 23.47
N THR A 64 -40.28 10.28 23.48
CA THR A 64 -39.88 9.46 22.36
C THR A 64 -40.91 8.36 22.17
N GLY A 65 -40.78 7.69 21.03
CA GLY A 65 -41.48 6.47 20.75
C GLY A 65 -40.63 5.66 19.79
N TYR A 66 -40.28 4.43 20.18
CA TYR A 66 -39.42 3.59 19.38
C TYR A 66 -40.22 2.49 18.71
N ALA A 67 -39.79 2.12 17.49
CA ALA A 67 -40.36 0.95 16.83
C ALA A 67 -40.14 -0.30 17.70
N GLN A 68 -41.12 -1.19 17.67
CA GLN A 68 -41.09 -2.44 18.45
C GLN A 68 -39.80 -3.22 18.19
N LYS A 69 -39.31 -3.17 16.94
CA LYS A 69 -38.12 -3.97 16.60
C LYS A 69 -36.88 -3.56 17.42
N PHE A 70 -36.75 -2.27 17.76
CA PHE A 70 -35.58 -1.75 18.45
C PHE A 70 -35.81 -1.40 19.91
N GLN A 71 -37.02 -1.62 20.43
CA GLN A 71 -37.29 -1.25 21.81
C GLN A 71 -36.40 -2.05 22.75
N GLY A 72 -35.72 -1.34 23.64
CA GLY A 72 -34.78 -1.95 24.56
C GLY A 72 -33.32 -1.82 24.17
N ARG A 73 -33.02 -1.48 22.91
CA ARG A 73 -31.62 -1.24 22.55
C ARG A 73 -31.43 0.07 21.78
N VAL A 74 -32.38 0.99 21.85
CA VAL A 74 -32.25 2.27 21.17
C VAL A 74 -32.59 3.39 22.14
N THR A 75 -31.91 4.52 22.00
CA THR A 75 -32.17 5.68 22.82
C THR A 75 -32.03 6.92 21.95
N MET A 76 -33.05 7.75 21.94
CA MET A 76 -33.02 9.00 21.19
C MET A 76 -33.06 10.16 22.17
N THR A 77 -32.05 11.02 22.08
CA THR A 77 -31.87 12.15 22.98
C THR A 77 -31.61 13.40 22.15
N ARG A 78 -31.44 14.54 22.83
CA ARG A 78 -31.08 15.76 22.14
C ARG A 78 -30.44 16.72 23.15
N ASN A 79 -29.54 17.55 22.65
CA ASN A 79 -28.98 18.69 23.36
C ASN A 79 -29.53 19.94 22.67
N THR A 80 -30.57 20.55 23.27
CA THR A 80 -31.26 21.66 22.60
C THR A 80 -30.37 22.88 22.49
N SER A 81 -29.39 23.02 23.38
CA SER A 81 -28.57 24.22 23.33
C SER A 81 -27.64 24.23 22.11
N ILE A 82 -27.47 23.10 21.41
CA ILE A 82 -26.66 23.05 20.19
C ILE A 82 -27.43 22.43 19.02
N ASN A 83 -28.76 22.42 19.10
CA ASN A 83 -29.62 22.03 17.99
C ASN A 83 -29.30 20.64 17.44
N THR A 84 -28.91 19.72 18.32
CA THR A 84 -28.46 18.39 17.89
C THR A 84 -29.29 17.30 18.54
N ALA A 85 -29.80 16.38 17.71
CA ALA A 85 -30.43 15.16 18.18
C ALA A 85 -29.46 13.99 18.06
N TYR A 86 -29.71 12.95 18.84
CA TYR A 86 -28.82 11.79 18.87
C TYR A 86 -29.63 10.50 18.82
N MET A 87 -29.06 9.50 18.15
CA MET A 87 -29.61 8.16 18.16
C MET A 87 -28.49 7.21 18.56
N GLU A 88 -28.75 6.41 19.58
CA GLU A 88 -27.80 5.42 20.07
C GLU A 88 -28.40 4.04 19.92
N LEU A 89 -27.72 3.19 19.16
CA LEU A 89 -28.16 1.81 18.96
C LEU A 89 -27.11 0.91 19.58
N SER A 90 -27.53 0.02 20.47
CA SER A 90 -26.65 -0.89 21.20
C SER A 90 -26.90 -2.33 20.75
N SER A 91 -26.06 -3.24 21.27
CA SER A 91 -26.08 -4.66 20.89
C SER A 91 -26.04 -4.82 19.39
N LEU A 92 -25.09 -4.14 18.77
CA LEU A 92 -24.99 -4.14 17.30
C LEU A 92 -24.78 -5.55 16.77
N ARG A 93 -25.62 -5.95 15.82
CA ARG A 93 -25.44 -7.16 15.06
C ARG A 93 -25.11 -6.78 13.63
N SER A 94 -24.64 -7.74 12.83
CA SER A 94 -24.25 -7.39 11.47
C SER A 94 -25.46 -6.94 10.64
N GLU A 95 -26.65 -7.41 11.00
CA GLU A 95 -27.87 -6.96 10.32
C GLU A 95 -28.13 -5.48 10.53
N ASP A 96 -27.45 -4.84 11.48
CA ASP A 96 -27.60 -3.39 11.66
C ASP A 96 -26.74 -2.58 10.69
N THR A 97 -25.89 -3.23 9.89
CA THR A 97 -25.15 -2.52 8.86
C THR A 97 -26.14 -1.88 7.90
N ALA A 98 -26.07 -0.55 7.78
CA ALA A 98 -27.08 0.21 7.06
C ALA A 98 -26.66 1.67 7.05
N VAL A 99 -27.37 2.47 6.25
CA VAL A 99 -27.30 3.93 6.31
C VAL A 99 -28.40 4.40 7.26
N TYR A 100 -28.01 5.23 8.23
CA TYR A 100 -28.94 5.72 9.24
C TYR A 100 -29.28 7.18 8.94
N TYR A 101 -30.56 7.47 8.75
CA TYR A 101 -31.01 8.82 8.42
C TYR A 101 -31.78 9.40 9.59
N CYS A 102 -31.51 10.67 9.91
CA CYS A 102 -32.46 11.44 10.68
C CYS A 102 -33.34 12.21 9.73
N ALA A 103 -34.57 12.48 10.17
CA ALA A 103 -35.54 13.17 9.31
C ALA A 103 -36.48 13.99 10.18
N ARG A 104 -36.88 15.15 9.66
CA ARG A 104 -37.76 16.07 10.34
C ARG A 104 -39.22 15.87 9.93
N VAL A 105 -40.13 15.93 10.91
CA VAL A 105 -41.56 15.90 10.63
C VAL A 105 -42.28 16.76 11.66
N ARG A 106 -43.25 17.55 11.19
CA ARG A 106 -44.04 18.38 12.11
C ARG A 106 -44.55 17.52 13.26
N SER A 107 -44.29 18.01 14.49
CA SER A 107 -44.63 17.27 15.70
C SER A 107 -46.07 16.78 15.66
N GLY A 108 -46.28 15.57 16.17
CA GLY A 108 -47.60 14.98 16.15
C GLY A 108 -48.56 15.58 17.19
N THR A 109 -49.77 15.04 17.20
CA THR A 109 -50.80 15.42 18.14
C THR A 109 -50.96 14.30 19.16
N ASN A 110 -50.98 14.68 20.44
CA ASN A 110 -51.21 13.76 21.53
C ASN A 110 -52.70 13.47 21.69
N TYR A 111 -53.05 12.20 21.64
CA TYR A 111 -54.36 11.71 22.06
C TYR A 111 -54.13 10.85 23.30
N GLY A 112 -54.08 11.49 24.46
CA GLY A 112 -53.70 10.80 25.69
C GLY A 112 -52.28 10.28 25.56
N SER A 113 -52.11 8.98 25.70
CA SER A 113 -50.82 8.34 25.53
C SER A 113 -50.49 8.03 24.07
N TYR A 114 -51.33 8.39 23.12
CA TYR A 114 -51.17 8.00 21.73
C TYR A 114 -50.73 9.19 20.89
N TYR A 115 -49.69 8.97 20.08
CA TYR A 115 -49.11 9.98 19.23
C TYR A 115 -49.57 9.79 17.79
N TYR A 116 -49.97 10.87 17.13
CA TYR A 116 -50.48 10.82 15.77
C TYR A 116 -49.69 11.80 14.91
N TYR A 117 -49.10 11.30 13.83
CA TYR A 117 -48.42 12.12 12.83
C TYR A 117 -49.31 12.32 11.61
N TYR A 118 -49.32 13.55 11.11
CA TYR A 118 -50.11 13.89 9.94
C TYR A 118 -49.29 14.52 8.82
N TYR A 119 -47.97 14.54 8.91
CA TYR A 119 -47.11 15.18 7.93
C TYR A 119 -45.99 14.25 7.53
N GLY A 120 -45.40 14.50 6.36
CA GLY A 120 -44.32 13.66 5.89
C GLY A 120 -42.99 14.04 6.50
N MET A 121 -42.00 13.20 6.24
CA MET A 121 -40.63 13.51 6.63
C MET A 121 -40.05 14.46 5.60
N ASP A 122 -40.06 15.76 5.93
CA ASP A 122 -39.93 16.80 4.91
C ASP A 122 -38.47 17.21 4.65
N VAL A 123 -37.57 16.97 5.61
CA VAL A 123 -36.14 17.18 5.43
C VAL A 123 -35.40 15.97 6.01
N TRP A 124 -34.44 15.44 5.24
CA TRP A 124 -33.63 14.30 5.65
C TRP A 124 -32.18 14.71 5.80
N GLY A 125 -31.49 14.13 6.78
CA GLY A 125 -30.04 14.27 6.85
C GLY A 125 -29.37 13.57 5.68
N GLN A 126 -28.06 13.78 5.53
CA GLN A 126 -27.37 13.12 4.43
C GLN A 126 -27.10 11.64 4.72
N GLY A 127 -27.40 11.18 5.91
CA GLY A 127 -27.16 9.79 6.29
C GLY A 127 -25.81 9.58 6.93
N THR A 128 -25.71 8.54 7.75
CA THR A 128 -24.43 8.08 8.25
C THR A 128 -24.39 6.57 8.11
N THR A 129 -23.35 6.07 7.47
CA THR A 129 -23.20 4.63 7.31
C THR A 129 -22.65 4.03 8.59
N VAL A 130 -23.30 2.99 9.09
CA VAL A 130 -22.80 2.21 10.22
C VAL A 130 -22.45 0.83 9.71
N THR A 131 -21.19 0.43 9.87
CA THR A 131 -20.74 -0.88 9.46
C THR A 131 -20.49 -1.74 10.67
N VAL A 132 -21.20 -2.86 10.73
CA VAL A 132 -21.06 -3.80 11.84
C VAL A 132 -20.51 -5.08 11.26
N SER A 133 -19.29 -5.42 11.67
CA SER A 133 -18.58 -6.57 11.16
C SER A 133 -17.49 -6.97 12.15
N SER A 134 -17.15 -8.25 12.15
CA SER A 134 -16.05 -8.71 12.98
C SER A 134 -14.68 -8.35 12.40
N ALA A 135 -14.66 -7.79 11.20
CA ALA A 135 -13.40 -7.37 10.58
C ALA A 135 -12.80 -6.20 11.34
N SER A 136 -11.50 -6.03 11.16
CA SER A 136 -10.78 -4.89 11.71
C SER A 136 -10.29 -4.00 10.57
N THR A 137 -10.24 -2.69 10.86
CA THR A 137 -9.83 -1.69 9.89
C THR A 137 -8.51 -2.07 9.22
N LYS A 138 -8.47 -1.94 7.89
CA LYS A 138 -7.26 -2.28 7.13
C LYS A 138 -7.20 -1.46 5.86
N GLY A 139 -6.05 -0.83 5.62
CA GLY A 139 -5.84 -0.09 4.40
C GLY A 139 -5.67 -0.99 3.19
N PRO A 140 -5.90 -0.43 2.00
CA PRO A 140 -5.88 -1.25 0.79
C PRO A 140 -4.48 -1.48 0.26
N SER A 141 -4.34 -2.55 -0.51
CA SER A 141 -3.21 -2.69 -1.42
C SER A 141 -3.67 -2.17 -2.78
N VAL A 142 -2.84 -1.34 -3.41
CA VAL A 142 -3.18 -0.70 -4.67
C VAL A 142 -2.37 -1.36 -5.77
N PHE A 143 -3.04 -1.95 -6.69
CA PHE A 143 -2.25 -2.51 -7.77
C PHE A 143 -2.56 -1.80 -9.08
N PRO A 144 -1.56 -1.61 -9.93
CA PRO A 144 -1.81 -0.95 -11.22
C PRO A 144 -2.55 -1.89 -12.17
N LEU A 145 -3.48 -1.32 -12.93
CA LEU A 145 -4.12 -2.03 -14.03
C LEU A 145 -3.54 -1.45 -15.32
N ALA A 146 -2.43 -2.05 -15.78
CA ALA A 146 -1.61 -1.40 -16.80
C ALA A 146 -2.25 -1.56 -18.18
N PRO A 147 -2.29 -0.48 -18.97
CA PRO A 147 -2.82 -0.59 -20.33
C PRO A 147 -1.82 -1.29 -21.21
N SER A 148 -2.31 -2.17 -22.05
CA SER A 148 -1.49 -2.83 -23.06
C SER A 148 -2.19 -2.57 -24.38
N SER A 149 -1.77 -3.27 -25.43
CA SER A 149 -2.56 -3.17 -26.66
C SER A 149 -3.94 -3.79 -26.48
N LYS A 150 -4.07 -4.71 -25.51
CA LYS A 150 -5.35 -5.36 -25.21
C LYS A 150 -6.33 -4.42 -24.50
N SER A 151 -5.82 -3.43 -23.78
CA SER A 151 -6.65 -2.44 -23.09
C SER A 151 -6.85 -1.18 -23.93
N THR A 152 -6.47 -1.22 -25.21
CA THR A 152 -6.51 -0.08 -26.12
C THR A 152 -7.56 -0.32 -27.21
N SER A 153 -8.30 0.73 -27.55
CA SER A 153 -9.24 0.67 -28.66
C SER A 153 -8.62 1.35 -29.87
N GLY A 154 -9.23 2.44 -30.33
CA GLY A 154 -8.64 3.24 -31.37
C GLY A 154 -7.46 3.97 -30.76
N GLY A 155 -7.57 5.29 -30.67
CA GLY A 155 -6.54 6.07 -30.07
C GLY A 155 -6.63 6.19 -28.56
N THR A 156 -7.57 5.49 -27.92
CA THR A 156 -7.78 5.61 -26.49
C THR A 156 -7.31 4.34 -25.78
N ALA A 157 -6.79 4.52 -24.56
CA ALA A 157 -6.30 3.44 -23.72
C ALA A 157 -6.95 3.53 -22.34
N ALA A 158 -7.34 2.38 -21.81
CA ALA A 158 -7.92 2.30 -20.47
C ALA A 158 -6.83 1.86 -19.49
N LEU A 159 -6.66 2.65 -18.44
CA LEU A 159 -5.72 2.28 -17.39
C LEU A 159 -6.39 2.58 -16.06
N GLY A 160 -5.93 1.89 -15.03
CA GLY A 160 -6.60 2.10 -13.77
C GLY A 160 -5.81 1.59 -12.59
N CYS A 161 -6.49 1.59 -11.45
CA CYS A 161 -5.91 1.12 -10.21
C CYS A 161 -6.89 0.18 -9.56
N LEU A 162 -6.40 -0.98 -9.14
CA LEU A 162 -7.18 -1.93 -8.37
C LEU A 162 -6.89 -1.63 -6.89
N VAL A 163 -7.94 -1.35 -6.15
CA VAL A 163 -7.86 -0.99 -4.73
C VAL A 163 -8.37 -2.19 -3.95
N LYS A 164 -7.48 -3.01 -3.44
CA LYS A 164 -7.83 -4.34 -2.95
C LYS A 164 -7.74 -4.46 -1.43
N ASP A 165 -8.71 -5.18 -0.86
CA ASP A 165 -8.62 -5.72 0.51
C ASP A 165 -8.53 -4.63 1.59
N TYR A 166 -9.49 -3.71 1.56
CA TYR A 166 -9.57 -2.68 2.60
C TYR A 166 -10.87 -2.83 3.39
N PHE A 167 -10.85 -2.25 4.59
CA PHE A 167 -12.02 -2.23 5.45
C PHE A 167 -11.87 -1.07 6.43
N PRO A 168 -12.95 -0.34 6.72
CA PRO A 168 -14.19 -0.52 6.00
C PRO A 168 -14.26 0.48 4.87
N GLU A 169 -15.48 0.69 4.36
CA GLU A 169 -15.72 1.76 3.41
C GLU A 169 -15.61 3.13 4.10
N PRO A 170 -15.32 4.19 3.34
CA PRO A 170 -15.03 4.21 1.90
C PRO A 170 -13.60 4.53 1.55
N VAL A 171 -13.29 4.41 0.27
CA VAL A 171 -12.07 4.96 -0.32
C VAL A 171 -12.51 5.96 -1.37
N THR A 172 -11.68 6.97 -1.59
CA THR A 172 -11.84 7.88 -2.71
C THR A 172 -10.61 7.76 -3.61
N VAL A 173 -10.83 7.85 -4.91
CA VAL A 173 -9.73 7.77 -5.88
C VAL A 173 -9.79 9.03 -6.74
N SER A 174 -8.67 9.70 -6.86
CA SER A 174 -8.47 10.79 -7.80
C SER A 174 -7.32 10.43 -8.72
N TRP A 175 -7.18 11.18 -9.81
CA TRP A 175 -6.10 10.96 -10.76
C TRP A 175 -5.33 12.26 -10.97
N ASN A 176 -4.01 12.17 -10.91
CA ASN A 176 -3.13 13.33 -11.04
C ASN A 176 -3.57 14.44 -10.10
N SER A 177 -3.90 14.05 -8.87
CA SER A 177 -4.23 14.97 -7.78
C SER A 177 -5.45 15.83 -8.08
N GLY A 178 -6.42 15.29 -8.82
CA GLY A 178 -7.63 15.99 -9.18
C GLY A 178 -7.58 16.67 -10.54
N ALA A 179 -6.38 16.85 -11.11
CA ALA A 179 -6.24 17.51 -12.41
C ALA A 179 -6.91 16.75 -13.55
N LEU A 180 -7.14 15.45 -13.38
CA LEU A 180 -7.67 14.60 -14.44
C LEU A 180 -9.04 14.09 -14.01
N THR A 181 -10.09 14.61 -14.65
CA THR A 181 -11.46 14.22 -14.33
C THR A 181 -12.21 13.60 -15.50
N SER A 182 -11.90 14.02 -16.73
CA SER A 182 -12.57 13.49 -17.92
C SER A 182 -12.15 12.05 -18.18
N GLY A 183 -13.13 11.18 -18.45
CA GLY A 183 -12.88 9.79 -18.70
C GLY A 183 -12.63 8.95 -17.47
N VAL A 184 -12.65 9.54 -16.28
CA VAL A 184 -12.40 8.83 -15.02
C VAL A 184 -13.69 8.19 -14.56
N HIS A 185 -13.65 6.89 -14.30
CA HIS A 185 -14.76 6.24 -13.61
C HIS A 185 -14.23 5.42 -12.45
N THR A 186 -14.75 5.72 -11.26
CA THR A 186 -14.51 4.92 -10.07
C THR A 186 -15.75 4.08 -9.80
N PHE A 187 -15.59 2.77 -9.79
CA PHE A 187 -16.69 1.84 -9.70
C PHE A 187 -17.08 1.59 -8.25
N PRO A 188 -18.30 1.11 -8.01
CA PRO A 188 -18.68 0.74 -6.64
C PRO A 188 -17.84 -0.43 -6.14
N ALA A 189 -17.77 -0.56 -4.82
CA ALA A 189 -16.95 -1.59 -4.21
C ALA A 189 -17.71 -2.91 -4.14
N VAL A 190 -16.95 -3.99 -4.16
CA VAL A 190 -17.45 -5.33 -3.87
C VAL A 190 -17.02 -5.68 -2.46
N LEU A 191 -17.82 -6.52 -1.79
CA LEU A 191 -17.51 -7.04 -0.47
C LEU A 191 -17.20 -8.52 -0.63
N GLN A 192 -15.96 -8.91 -0.37
CA GLN A 192 -15.60 -10.31 -0.53
C GLN A 192 -15.95 -11.09 0.72
N SER A 193 -16.01 -12.42 0.57
CA SER A 193 -16.36 -13.28 1.70
C SER A 193 -15.37 -13.12 2.86
N SER A 194 -14.20 -12.54 2.60
CA SER A 194 -13.27 -12.26 3.68
C SER A 194 -13.75 -11.11 4.56
N GLY A 195 -14.81 -10.41 4.17
CA GLY A 195 -15.20 -9.23 4.90
C GLY A 195 -14.44 -7.98 4.50
N LEU A 196 -13.61 -8.06 3.47
CA LEU A 196 -12.83 -6.94 2.96
C LEU A 196 -13.42 -6.45 1.65
N TYR A 197 -13.30 -5.15 1.39
CA TYR A 197 -13.81 -4.51 0.19
C TYR A 197 -12.73 -4.39 -0.88
N SER A 198 -13.17 -4.25 -2.13
CA SER A 198 -12.28 -3.90 -3.24
C SER A 198 -13.07 -3.07 -4.26
N LEU A 199 -12.34 -2.21 -4.99
CA LEU A 199 -12.97 -1.43 -6.05
C LEU A 199 -11.91 -1.08 -7.08
N SER A 200 -12.36 -0.52 -8.20
CA SER A 200 -11.44 -0.09 -9.23
C SER A 200 -11.79 1.30 -9.72
N SER A 201 -10.76 2.07 -10.04
CA SER A 201 -10.90 3.33 -10.74
C SER A 201 -10.13 3.21 -12.04
N VAL A 202 -10.75 3.61 -13.14
CA VAL A 202 -10.19 3.45 -14.47
C VAL A 202 -10.28 4.78 -15.20
N VAL A 203 -9.29 5.04 -16.06
CA VAL A 203 -9.27 6.22 -16.90
C VAL A 203 -9.10 5.79 -18.33
N THR A 204 -9.88 6.40 -19.22
CA THR A 204 -9.67 6.29 -20.65
C THR A 204 -8.91 7.54 -21.09
N VAL A 205 -7.72 7.35 -21.66
CA VAL A 205 -6.88 8.46 -22.11
C VAL A 205 -6.47 8.22 -23.55
N PRO A 206 -6.07 9.27 -24.27
CA PRO A 206 -5.52 9.05 -25.62
C PRO A 206 -4.27 8.17 -25.57
N SER A 207 -4.24 7.15 -26.42
CA SER A 207 -3.11 6.23 -26.45
C SER A 207 -1.81 6.95 -26.75
N SER A 208 -1.88 8.09 -27.45
CA SER A 208 -0.67 8.83 -27.80
C SER A 208 0.05 9.37 -26.57
N SER A 209 -0.71 9.80 -25.55
CA SER A 209 -0.12 10.40 -24.36
C SER A 209 0.56 9.38 -23.44
N LEU A 210 0.46 8.09 -23.73
CA LEU A 210 1.07 7.08 -22.85
C LEU A 210 2.58 7.27 -22.72
N GLY A 211 3.23 7.79 -23.74
CA GLY A 211 4.65 8.06 -23.66
C GLY A 211 5.01 9.48 -23.29
N THR A 212 4.03 10.37 -23.15
CA THR A 212 4.29 11.77 -22.87
C THR A 212 3.69 12.26 -21.56
N GLN A 213 2.65 11.62 -21.04
CA GLN A 213 1.99 12.10 -19.83
C GLN A 213 2.03 11.01 -18.77
N THR A 214 2.21 11.43 -17.52
CA THR A 214 2.24 10.52 -16.39
C THR A 214 0.86 10.45 -15.74
N TYR A 215 0.48 9.24 -15.32
CA TYR A 215 -0.82 8.98 -14.71
C TYR A 215 -0.65 8.37 -13.33
N ILE A 216 -1.14 9.08 -12.31
CA ILE A 216 -1.04 8.66 -10.93
C ILE A 216 -2.44 8.60 -10.35
N CYS A 217 -2.81 7.45 -9.79
CA CYS A 217 -4.05 7.37 -9.02
C CYS A 217 -3.74 7.65 -7.55
N ASN A 218 -4.55 8.51 -6.95
CA ASN A 218 -4.41 8.90 -5.54
C ASN A 218 -5.54 8.26 -4.77
N VAL A 219 -5.21 7.23 -3.99
CA VAL A 219 -6.19 6.47 -3.23
C VAL A 219 -6.14 6.91 -1.79
N ASN A 220 -7.28 7.32 -1.26
CA ASN A 220 -7.39 7.78 0.12
C ASN A 220 -8.37 6.88 0.87
N HIS A 221 -7.90 6.29 1.96
CA HIS A 221 -8.72 5.46 2.82
C HIS A 221 -8.65 6.08 4.22
N LYS A 222 -9.49 7.08 4.47
CA LYS A 222 -9.44 7.80 5.74
C LYS A 222 -9.68 6.89 6.93
N PRO A 223 -10.57 5.90 6.89
CA PRO A 223 -10.76 5.04 8.08
C PRO A 223 -9.48 4.45 8.65
N SER A 224 -8.50 4.15 7.80
CA SER A 224 -7.22 3.63 8.22
C SER A 224 -6.12 4.68 8.14
N ASN A 225 -6.48 5.93 7.83
CA ASN A 225 -5.52 7.03 7.70
C ASN A 225 -4.39 6.67 6.74
N THR A 226 -4.77 6.12 5.59
CA THR A 226 -3.82 5.67 4.59
C THR A 226 -4.07 6.38 3.27
N LYS A 227 -2.99 6.89 2.67
CA LYS A 227 -3.02 7.49 1.35
C LYS A 227 -1.97 6.78 0.50
N VAL A 228 -2.38 6.28 -0.68
CA VAL A 228 -1.48 5.63 -1.62
C VAL A 228 -1.48 6.39 -2.92
N ASP A 229 -0.30 6.68 -3.45
CA ASP A 229 -0.13 7.20 -4.80
C ASP A 229 0.58 6.14 -5.63
N LYS A 230 -0.01 5.79 -6.77
CA LYS A 230 0.49 4.73 -7.63
C LYS A 230 0.53 5.24 -9.06
N ARG A 231 1.71 5.23 -9.68
CA ARG A 231 1.81 5.56 -11.08
C ARG A 231 1.51 4.33 -11.93
N VAL A 232 0.57 4.48 -12.86
CA VAL A 232 0.18 3.41 -13.78
C VAL A 232 0.86 3.67 -15.11
N GLU A 233 1.63 2.68 -15.58
CA GLU A 233 2.44 2.75 -16.79
C GLU A 233 2.03 1.64 -17.74
N PRO A 234 2.45 1.73 -19.02
CA PRO A 234 1.98 0.76 -20.03
C PRO A 234 2.38 -0.72 -19.89
N LYS A 235 3.65 -1.09 -19.79
CA LYS A 235 3.95 -2.54 -19.77
C LYS A 235 3.29 -3.28 -18.60
N SER B 1 -39.51 -6.52 6.85
CA SER B 1 -40.61 -6.57 5.90
C SER B 1 -41.34 -5.23 5.91
N TYR B 2 -42.07 -4.97 4.84
CA TYR B 2 -42.69 -3.67 4.62
C TYR B 2 -44.20 -3.80 4.78
N GLU B 3 -44.78 -2.88 5.51
CA GLU B 3 -46.18 -3.00 5.89
C GLU B 3 -47.12 -2.27 4.94
N LEU B 4 -46.59 -1.61 3.91
CA LEU B 4 -47.36 -1.13 2.78
C LEU B 4 -46.97 -1.96 1.55
N THR B 5 -47.89 -2.10 0.60
CA THR B 5 -47.67 -2.88 -0.60
C THR B 5 -47.59 -1.96 -1.80
N GLN B 6 -46.44 -1.96 -2.46
CA GLN B 6 -46.30 -1.29 -3.74
C GLN B 6 -45.54 -2.21 -4.68
N PRO B 7 -45.76 -2.07 -5.99
CA PRO B 7 -45.04 -2.94 -6.95
C PRO B 7 -43.54 -2.69 -6.88
N PRO B 8 -42.75 -3.75 -6.95
CA PRO B 8 -41.28 -3.56 -6.90
C PRO B 8 -40.75 -2.74 -8.07
N SER B 9 -41.39 -2.75 -9.23
CA SER B 9 -40.84 -2.01 -10.36
C SER B 9 -41.95 -1.44 -11.24
N ALA B 10 -41.62 -0.35 -11.93
CA ALA B 10 -42.48 0.24 -12.94
C ALA B 10 -41.58 0.79 -14.03
N SER B 11 -42.14 0.99 -15.21
CA SER B 11 -41.33 1.49 -16.31
C SER B 11 -42.20 2.32 -17.24
N GLY B 12 -41.55 3.15 -18.01
CA GLY B 12 -42.22 4.00 -18.99
C GLY B 12 -41.23 4.63 -19.92
N THR B 13 -41.75 5.14 -21.01
CA THR B 13 -40.97 5.87 -22.02
C THR B 13 -41.19 7.34 -21.77
N PRO B 14 -40.22 8.23 -22.04
CA PRO B 14 -40.40 9.67 -21.78
C PRO B 14 -41.67 10.23 -22.37
N GLY B 15 -42.37 11.04 -21.56
CA GLY B 15 -43.63 11.64 -21.91
C GLY B 15 -44.83 10.89 -21.36
N GLN B 16 -44.67 9.60 -21.08
CA GLN B 16 -45.73 8.78 -20.55
C GLN B 16 -46.09 9.18 -19.11
N ARG B 17 -47.29 8.78 -18.71
CA ARG B 17 -47.72 8.91 -17.33
C ARG B 17 -47.55 7.56 -16.65
N VAL B 18 -46.79 7.54 -15.56
CA VAL B 18 -46.56 6.34 -14.76
C VAL B 18 -47.26 6.54 -13.42
N THR B 19 -48.05 5.53 -13.03
CA THR B 19 -48.75 5.56 -11.77
C THR B 19 -48.25 4.41 -10.89
N ILE B 20 -48.13 4.67 -9.59
CA ILE B 20 -47.59 3.69 -8.65
C ILE B 20 -48.62 3.51 -7.54
N SER B 21 -49.09 2.28 -7.36
CA SER B 21 -50.09 2.08 -6.31
C SER B 21 -49.40 1.78 -4.99
N CYS B 22 -50.10 2.10 -3.92
CA CYS B 22 -49.63 1.90 -2.57
C CYS B 22 -50.84 1.47 -1.75
N SER B 23 -50.85 0.22 -1.32
CA SER B 23 -51.98 -0.35 -0.63
C SER B 23 -51.63 -0.58 0.84
N GLY B 24 -52.53 -0.15 1.72
CA GLY B 24 -52.36 -0.32 3.15
C GLY B 24 -53.59 -0.97 3.76
N SER B 25 -53.90 -0.55 4.98
CA SER B 25 -55.06 -1.05 5.71
C SER B 25 -55.70 0.11 6.45
N SER B 26 -56.79 -0.19 7.17
CA SER B 26 -57.59 0.85 7.78
C SER B 26 -56.88 1.57 8.92
N SER B 27 -55.83 0.97 9.48
CA SER B 27 -55.13 1.60 10.58
C SER B 27 -53.97 2.47 10.12
N ASN B 28 -53.67 2.50 8.81
CA ASN B 28 -52.69 3.45 8.30
C ASN B 28 -53.36 4.35 7.26
N ILE B 29 -53.25 3.98 5.98
CA ILE B 29 -53.81 4.83 4.93
C ILE B 29 -55.30 5.09 5.16
N GLY B 30 -56.05 4.09 5.64
CA GLY B 30 -57.46 4.29 5.86
C GLY B 30 -57.77 5.48 6.76
N ASN B 31 -57.07 5.60 7.89
CA ASN B 31 -57.38 6.68 8.83
C ASN B 31 -56.24 7.68 9.00
N ASN B 32 -55.24 7.69 8.11
CA ASN B 32 -54.15 8.65 8.17
C ASN B 32 -53.93 9.25 6.77
N TYR B 33 -52.69 9.29 6.32
CA TYR B 33 -52.33 9.86 5.01
C TYR B 33 -51.37 8.94 4.30
N VAL B 34 -51.22 9.17 3.01
CA VAL B 34 -50.13 8.61 2.21
C VAL B 34 -49.17 9.74 1.88
N HIS B 35 -47.89 9.53 2.18
CA HIS B 35 -46.82 10.37 1.71
C HIS B 35 -45.90 9.55 0.81
N TRP B 36 -45.20 10.24 -0.10
CA TRP B 36 -44.30 9.59 -1.04
C TRP B 36 -42.94 10.24 -1.00
N TYR B 37 -41.91 9.40 -1.09
CA TYR B 37 -40.53 9.81 -1.11
C TYR B 37 -39.87 9.32 -2.39
N GLN B 38 -39.02 10.16 -2.97
CA GLN B 38 -38.22 9.80 -4.12
C GLN B 38 -36.78 9.69 -3.66
N GLN B 39 -36.15 8.56 -3.98
CA GLN B 39 -34.74 8.38 -3.69
C GLN B 39 -33.97 8.23 -5.00
N LEU B 40 -33.26 9.28 -5.39
CA LEU B 40 -32.37 9.22 -6.52
C LEU B 40 -31.19 8.30 -6.20
N PRO B 41 -30.55 7.72 -7.23
CA PRO B 41 -29.40 6.83 -6.99
C PRO B 41 -28.32 7.53 -6.19
N GLY B 42 -27.82 6.84 -5.16
CA GLY B 42 -26.81 7.38 -4.28
C GLY B 42 -27.23 8.57 -3.46
N SER B 43 -28.53 8.81 -3.29
CA SER B 43 -29.02 9.98 -2.58
C SER B 43 -29.85 9.57 -1.38
N ALA B 44 -30.05 10.52 -0.48
CA ALA B 44 -31.01 10.37 0.60
C ALA B 44 -32.43 10.54 0.05
N PRO B 45 -33.43 9.93 0.67
CA PRO B 45 -34.80 10.15 0.21
C PRO B 45 -35.17 11.62 0.37
N LYS B 46 -36.14 12.04 -0.44
CA LYS B 46 -36.67 13.39 -0.38
C LYS B 46 -38.19 13.33 -0.42
N LEU B 47 -38.83 14.24 0.32
CA LEU B 47 -40.29 14.30 0.34
C LEU B 47 -40.79 14.76 -1.02
N LEU B 48 -41.65 13.96 -1.64
CA LEU B 48 -42.17 14.24 -2.97
C LEU B 48 -43.65 14.60 -2.97
N ILE B 49 -44.45 13.87 -2.21
CA ILE B 49 -45.88 14.14 -2.02
C ILE B 49 -46.18 13.87 -0.55
N TYR B 50 -46.94 14.76 0.08
CA TYR B 50 -47.37 14.54 1.45
C TYR B 50 -48.87 14.77 1.56
N ARG B 51 -49.46 14.13 2.57
CA ARG B 51 -50.88 14.29 2.87
C ARG B 51 -51.74 14.00 1.64
N ASN B 52 -51.43 12.87 0.97
CA ASN B 52 -52.15 12.30 -0.17
C ASN B 52 -51.80 13.00 -1.48
N ASN B 53 -51.89 14.33 -1.51
CA ASN B 53 -51.81 15.04 -2.78
C ASN B 53 -51.13 16.41 -2.72
N GLN B 54 -50.41 16.74 -1.65
CA GLN B 54 -49.74 18.02 -1.55
C GLN B 54 -48.30 17.91 -2.05
N ARG B 55 -47.87 18.93 -2.79
CA ARG B 55 -46.51 18.97 -3.32
C ARG B 55 -45.66 19.90 -2.49
N PRO B 56 -44.53 19.46 -1.95
CA PRO B 56 -43.64 20.40 -1.28
C PRO B 56 -43.16 21.45 -2.27
N SER B 57 -42.77 22.59 -1.74
CA SER B 57 -42.21 23.63 -2.57
C SER B 57 -41.03 23.08 -3.36
N GLY B 58 -41.03 23.33 -4.68
CA GLY B 58 -39.95 22.88 -5.53
C GLY B 58 -40.18 21.55 -6.21
N VAL B 59 -41.32 20.89 -5.98
CA VAL B 59 -41.66 19.65 -6.66
C VAL B 59 -42.61 20.00 -7.81
N PRO B 60 -42.23 19.74 -9.06
CA PRO B 60 -43.08 20.12 -10.20
C PRO B 60 -44.45 19.43 -10.16
N ASP B 61 -45.44 20.12 -10.74
CA ASP B 61 -46.81 19.60 -10.72
C ASP B 61 -47.02 18.39 -11.61
N ARG B 62 -46.04 17.96 -12.40
CA ARG B 62 -46.22 16.69 -13.10
C ARG B 62 -46.28 15.51 -12.12
N PHE B 63 -45.80 15.70 -10.88
CA PHE B 63 -45.98 14.73 -9.82
C PHE B 63 -47.30 15.02 -9.10
N SER B 64 -48.13 14.01 -8.96
CA SER B 64 -49.39 14.17 -8.24
C SER B 64 -49.67 12.92 -7.42
N GLY B 65 -50.55 13.08 -6.44
CA GLY B 65 -50.94 11.97 -5.59
C GLY B 65 -52.43 11.96 -5.35
N SER B 66 -52.91 10.79 -4.96
CA SER B 66 -54.30 10.64 -4.55
C SER B 66 -54.38 9.49 -3.58
N LYS B 67 -55.47 9.49 -2.84
CA LYS B 67 -55.80 8.45 -1.88
C LYS B 67 -57.27 8.09 -2.06
N SER B 68 -57.58 6.81 -1.93
CA SER B 68 -58.96 6.33 -1.92
C SER B 68 -59.04 5.13 -1.01
N GLY B 69 -59.84 5.22 0.08
CA GLY B 69 -59.99 4.08 0.98
C GLY B 69 -58.68 3.76 1.67
N THR B 70 -58.27 2.49 1.62
CA THR B 70 -57.01 2.06 2.20
C THR B 70 -55.86 2.02 1.19
N SER B 71 -55.98 2.71 0.05
CA SER B 71 -54.88 2.73 -0.91
C SER B 71 -54.66 4.13 -1.48
N GLY B 72 -53.45 4.33 -1.98
CA GLY B 72 -53.09 5.59 -2.61
C GLY B 72 -52.36 5.37 -3.92
N SER B 73 -52.15 6.46 -4.63
CA SER B 73 -51.56 6.39 -5.96
C SER B 73 -50.65 7.59 -6.18
N LEU B 74 -49.44 7.33 -6.66
CA LEU B 74 -48.54 8.36 -7.17
C LEU B 74 -48.58 8.36 -8.69
N ALA B 75 -48.76 9.53 -9.28
CA ALA B 75 -48.80 9.69 -10.73
C ALA B 75 -47.62 10.58 -11.15
N ILE B 76 -46.78 10.06 -12.05
CA ILE B 76 -45.68 10.82 -12.63
C ILE B 76 -46.06 11.12 -14.07
N SER B 77 -46.54 12.33 -14.30
CA SER B 77 -46.94 12.80 -15.62
C SER B 77 -45.73 13.35 -16.34
N GLY B 78 -45.65 13.04 -17.62
CA GLY B 78 -44.57 13.52 -18.46
C GLY B 78 -43.27 12.96 -17.97
N LEU B 79 -43.18 11.63 -17.93
CA LEU B 79 -42.01 10.95 -17.41
C LEU B 79 -40.75 11.49 -18.06
N ARG B 80 -39.72 11.71 -17.24
CA ARG B 80 -38.42 12.19 -17.66
C ARG B 80 -37.35 11.21 -17.20
N SER B 81 -36.23 11.19 -17.93
CA SER B 81 -35.16 10.26 -17.63
C SER B 81 -34.67 10.41 -16.19
N GLU B 82 -34.64 11.64 -15.68
CA GLU B 82 -34.21 11.87 -14.30
C GLU B 82 -35.25 11.39 -13.29
N ASP B 83 -36.43 10.97 -13.75
CA ASP B 83 -37.41 10.36 -12.85
C ASP B 83 -37.05 8.92 -12.52
N GLU B 84 -36.00 8.38 -13.15
CA GLU B 84 -35.50 7.04 -12.83
C GLU B 84 -34.98 7.02 -11.40
N ALA B 85 -35.68 6.32 -10.52
CA ALA B 85 -35.43 6.42 -9.09
C ALA B 85 -36.27 5.37 -8.38
N ASP B 86 -36.05 5.28 -7.06
CA ASP B 86 -36.89 4.49 -6.17
C ASP B 86 -37.90 5.41 -5.49
N TYR B 87 -39.15 4.97 -5.44
CA TYR B 87 -40.23 5.74 -4.85
C TYR B 87 -40.84 4.95 -3.71
N TYR B 88 -40.95 5.58 -2.55
CA TYR B 88 -41.42 4.92 -1.34
C TYR B 88 -42.69 5.59 -0.86
N CYS B 89 -43.74 4.80 -0.65
CA CYS B 89 -44.89 5.36 0.03
C CYS B 89 -44.77 5.10 1.54
N ALA B 90 -45.49 5.90 2.31
CA ALA B 90 -45.40 5.84 3.76
C ALA B 90 -46.70 6.31 4.37
N SER B 91 -46.96 5.85 5.58
CA SER B 91 -48.15 6.20 6.35
C SER B 91 -47.87 6.00 7.83
N TRP B 92 -48.65 6.67 8.66
CA TRP B 92 -48.59 6.53 10.12
C TRP B 92 -49.68 5.57 10.57
N ASP B 93 -49.28 4.44 11.11
CA ASP B 93 -50.22 3.41 11.56
C ASP B 93 -50.46 3.59 13.06
N ASP B 94 -51.72 3.61 13.45
CA ASP B 94 -52.07 3.86 14.85
C ASP B 94 -52.40 2.59 15.63
N SER B 95 -52.09 1.42 15.10
CA SER B 95 -52.31 0.23 15.90
C SER B 95 -51.35 0.24 17.10
N LEU B 96 -51.88 -0.08 18.27
CA LEU B 96 -51.11 -0.10 19.52
C LEU B 96 -50.44 1.26 19.75
N SER B 97 -49.10 1.34 19.78
CA SER B 97 -48.40 2.57 20.11
C SER B 97 -48.15 3.51 18.95
N GLY B 98 -48.44 3.10 17.72
CA GLY B 98 -48.24 4.01 16.60
C GLY B 98 -46.84 3.87 16.01
N HIS B 99 -46.75 3.69 14.69
CA HIS B 99 -45.47 3.54 14.01
C HIS B 99 -45.62 3.91 12.54
N TRP B 100 -44.54 4.45 11.96
CA TRP B 100 -44.49 4.68 10.52
C TRP B 100 -44.42 3.35 9.78
N VAL B 101 -45.26 3.21 8.77
CA VAL B 101 -45.18 2.06 7.86
C VAL B 101 -44.75 2.56 6.48
N PHE B 102 -44.03 1.72 5.76
CA PHE B 102 -43.46 2.06 4.46
C PHE B 102 -43.81 1.00 3.44
N GLY B 103 -43.96 1.43 2.19
CA GLY B 103 -43.92 0.48 1.11
C GLY B 103 -42.52 -0.09 0.95
N GLY B 104 -42.44 -1.24 0.29
CA GLY B 104 -41.13 -1.80 -0.04
C GLY B 104 -40.37 -1.05 -1.12
N GLY B 105 -40.97 -0.03 -1.73
CA GLY B 105 -40.28 0.74 -2.75
C GLY B 105 -40.52 0.24 -4.17
N THR B 106 -40.64 1.19 -5.10
CA THR B 106 -40.85 0.91 -6.52
C THR B 106 -39.69 1.53 -7.29
N LYS B 107 -38.92 0.70 -7.98
CA LYS B 107 -37.89 1.22 -8.87
C LYS B 107 -38.54 1.57 -10.19
N VAL B 108 -38.50 2.85 -10.55
CA VAL B 108 -39.01 3.32 -11.84
C VAL B 108 -37.84 3.35 -12.83
N THR B 109 -37.98 2.64 -13.95
CA THR B 109 -37.02 2.68 -15.05
C THR B 109 -37.59 3.49 -16.20
N VAL B 110 -36.82 4.44 -16.69
CA VAL B 110 -37.27 5.28 -17.79
C VAL B 110 -36.49 4.83 -19.03
N LEU B 111 -37.20 4.19 -19.96
CA LEU B 111 -36.56 3.64 -21.16
C LEU B 111 -36.57 4.72 -22.24
N GLY B 112 -35.64 5.64 -22.15
CA GLY B 112 -35.76 6.61 -23.19
C GLY B 112 -34.56 6.70 -24.10
N GLN B 113 -33.67 5.73 -24.11
CA GLN B 113 -32.49 6.05 -24.89
C GLN B 113 -32.07 4.89 -25.76
N PRO B 114 -31.34 5.18 -26.83
CA PRO B 114 -31.04 4.14 -27.81
C PRO B 114 -30.15 3.07 -27.21
N LYS B 115 -30.36 1.85 -27.70
CA LYS B 115 -29.61 0.69 -27.26
C LYS B 115 -28.11 0.88 -27.52
N ALA B 116 -27.29 0.40 -26.58
CA ALA B 116 -25.84 0.50 -26.72
C ALA B 116 -25.19 -0.75 -26.16
N ALA B 117 -24.42 -1.45 -27.00
CA ALA B 117 -23.70 -2.63 -26.53
C ALA B 117 -22.59 -2.21 -25.55
N PRO B 118 -22.25 -3.08 -24.61
CA PRO B 118 -21.22 -2.71 -23.63
C PRO B 118 -19.82 -2.68 -24.21
N SER B 119 -19.00 -1.78 -23.68
CA SER B 119 -17.56 -1.82 -23.87
C SER B 119 -16.99 -2.68 -22.74
N VAL B 120 -16.18 -3.66 -23.07
CA VAL B 120 -15.66 -4.57 -22.07
C VAL B 120 -14.15 -4.44 -22.04
N THR B 121 -13.61 -4.24 -20.83
CA THR B 121 -12.17 -4.18 -20.64
C THR B 121 -11.79 -5.20 -19.56
N LEU B 122 -10.89 -6.11 -19.91
CA LEU B 122 -10.47 -7.17 -19.00
C LEU B 122 -8.99 -6.99 -18.69
N PHE B 123 -8.65 -6.81 -17.37
CA PHE B 123 -7.24 -6.71 -16.96
C PHE B 123 -6.77 -8.02 -16.33
N PRO B 124 -5.59 -8.53 -16.68
CA PRO B 124 -5.07 -9.70 -15.99
C PRO B 124 -4.51 -9.31 -14.63
N PRO B 125 -4.19 -10.28 -13.78
CA PRO B 125 -3.46 -9.93 -12.55
C PRO B 125 -2.13 -9.26 -12.90
N SER B 126 -1.84 -8.15 -12.21
CA SER B 126 -0.57 -7.46 -12.33
C SER B 126 0.54 -8.29 -11.71
N SER B 127 1.77 -8.05 -12.19
CA SER B 127 2.93 -8.71 -11.60
C SER B 127 3.05 -8.40 -10.11
N GLU B 128 2.72 -7.17 -9.71
CA GLU B 128 2.77 -6.80 -8.30
C GLU B 128 1.88 -7.71 -7.47
N GLU B 129 0.62 -7.87 -7.91
CA GLU B 129 -0.32 -8.69 -7.16
C GLU B 129 0.12 -10.15 -7.14
N LEU B 130 0.67 -10.64 -8.26
CA LEU B 130 1.18 -12.01 -8.27
C LEU B 130 2.30 -12.18 -7.25
N GLN B 131 3.17 -11.17 -7.13
CA GLN B 131 4.25 -11.21 -6.15
C GLN B 131 3.72 -11.17 -4.73
N ALA B 132 2.53 -10.60 -4.54
CA ALA B 132 1.86 -10.64 -3.24
C ALA B 132 1.10 -11.95 -3.03
N ASN B 133 1.29 -12.92 -3.93
CA ASN B 133 0.64 -14.23 -3.84
C ASN B 133 -0.88 -14.15 -3.95
N LYS B 134 -1.37 -13.23 -4.78
CA LYS B 134 -2.78 -13.09 -5.04
C LYS B 134 -2.97 -12.91 -6.54
N ALA B 135 -4.21 -13.03 -7.00
CA ALA B 135 -4.52 -12.86 -8.41
C ALA B 135 -5.98 -12.45 -8.57
N THR B 136 -6.22 -11.32 -9.23
CA THR B 136 -7.55 -10.82 -9.48
C THR B 136 -7.68 -10.42 -10.94
N LEU B 137 -8.69 -10.98 -11.61
CA LEU B 137 -9.07 -10.51 -12.94
C LEU B 137 -10.12 -9.42 -12.79
N VAL B 138 -9.93 -8.32 -13.51
CA VAL B 138 -10.82 -7.16 -13.37
C VAL B 138 -11.48 -6.90 -14.73
N CYS B 139 -12.80 -7.02 -14.78
CA CYS B 139 -13.58 -6.84 -15.99
C CYS B 139 -14.43 -5.58 -15.82
N LEU B 140 -14.06 -4.52 -16.54
CA LEU B 140 -14.79 -3.26 -16.51
C LEU B 140 -15.71 -3.21 -17.71
N ILE B 141 -16.97 -2.85 -17.47
CA ILE B 141 -18.04 -2.88 -18.44
C ILE B 141 -18.69 -1.51 -18.43
N SER B 142 -18.67 -0.81 -19.55
CA SER B 142 -19.22 0.55 -19.57
C SER B 142 -20.04 0.79 -20.83
N ASP B 143 -20.78 1.91 -20.82
CA ASP B 143 -21.43 2.45 -22.00
C ASP B 143 -22.52 1.53 -22.58
N PHE B 144 -23.25 0.80 -21.74
CA PHE B 144 -24.32 -0.02 -22.26
C PHE B 144 -25.69 0.57 -21.89
N TYR B 145 -26.68 0.17 -22.66
CA TYR B 145 -28.06 0.61 -22.43
C TYR B 145 -28.98 -0.40 -23.11
N PRO B 146 -30.03 -0.90 -22.43
CA PRO B 146 -30.42 -0.60 -21.05
C PRO B 146 -29.44 -1.16 -19.99
N GLY B 147 -29.77 -0.97 -18.72
CA GLY B 147 -28.81 -1.24 -17.66
C GLY B 147 -28.87 -2.63 -17.06
N ALA B 148 -29.07 -3.64 -17.88
CA ALA B 148 -29.09 -5.03 -17.43
C ALA B 148 -28.05 -5.81 -18.22
N VAL B 149 -27.13 -6.43 -17.49
CA VAL B 149 -26.09 -7.29 -18.04
C VAL B 149 -25.95 -8.49 -17.12
N THR B 150 -25.49 -9.60 -17.67
CA THR B 150 -25.01 -10.73 -16.90
C THR B 150 -23.57 -11.02 -17.30
N VAL B 151 -22.76 -11.40 -16.31
CA VAL B 151 -21.34 -11.67 -16.51
C VAL B 151 -21.10 -13.15 -16.27
N ALA B 152 -20.38 -13.78 -17.19
CA ALA B 152 -19.96 -15.18 -17.06
C ALA B 152 -18.45 -15.26 -17.21
N TRP B 153 -17.79 -16.00 -16.33
CA TRP B 153 -16.35 -16.17 -16.37
C TRP B 153 -15.96 -17.56 -16.86
N LYS B 154 -14.87 -17.63 -17.61
CA LYS B 154 -14.40 -18.87 -18.20
C LYS B 154 -12.92 -19.04 -17.93
N ALA B 155 -12.55 -20.21 -17.38
CA ALA B 155 -11.16 -20.66 -17.33
C ALA B 155 -10.93 -21.56 -18.54
N ASP B 156 -10.11 -21.10 -19.47
CA ASP B 156 -10.05 -21.69 -20.82
C ASP B 156 -11.46 -21.66 -21.40
N SER B 157 -12.18 -22.78 -21.36
CA SER B 157 -13.57 -22.77 -21.78
C SER B 157 -14.51 -23.23 -20.68
N SER B 158 -14.01 -23.46 -19.47
CA SER B 158 -14.91 -23.93 -18.42
C SER B 158 -15.46 -22.76 -17.63
N PRO B 159 -16.73 -22.82 -17.25
CA PRO B 159 -17.29 -21.76 -16.41
C PRO B 159 -16.56 -21.75 -15.08
N VAL B 160 -16.49 -20.57 -14.48
CA VAL B 160 -15.96 -20.39 -13.14
C VAL B 160 -16.98 -19.57 -12.37
N LYS B 161 -17.48 -20.13 -11.27
CA LYS B 161 -18.43 -19.45 -10.39
C LYS B 161 -17.83 -19.04 -9.05
N ALA B 162 -16.76 -19.72 -8.62
CA ALA B 162 -16.14 -19.42 -7.34
C ALA B 162 -15.29 -18.17 -7.42
N GLY B 163 -15.33 -17.39 -6.33
CA GLY B 163 -14.53 -16.19 -6.23
C GLY B 163 -14.94 -15.07 -7.16
N VAL B 164 -16.20 -15.04 -7.60
CA VAL B 164 -16.68 -14.01 -8.51
C VAL B 164 -17.46 -12.97 -7.71
N GLU B 165 -17.13 -11.71 -7.91
CA GLU B 165 -17.91 -10.61 -7.34
C GLU B 165 -18.19 -9.62 -8.44
N THR B 166 -19.47 -9.28 -8.64
CA THR B 166 -19.80 -8.30 -9.66
C THR B 166 -20.76 -7.27 -9.08
N THR B 167 -20.53 -6.01 -9.45
CA THR B 167 -21.30 -4.89 -8.91
C THR B 167 -22.58 -4.66 -9.71
N THR B 168 -23.57 -4.07 -9.04
CA THR B 168 -24.82 -3.70 -9.72
C THR B 168 -24.57 -2.55 -10.70
N PRO B 169 -25.16 -2.59 -11.90
CA PRO B 169 -24.97 -1.49 -12.85
C PRO B 169 -25.54 -0.16 -12.34
N SER B 170 -24.84 0.92 -12.66
CA SER B 170 -25.26 2.28 -12.35
C SER B 170 -25.02 3.18 -13.55
N LYS B 171 -25.83 4.25 -13.58
CA LYS B 171 -25.82 5.17 -14.70
C LYS B 171 -24.64 6.13 -14.58
N GLN B 172 -23.96 6.38 -15.70
CA GLN B 172 -22.86 7.35 -15.73
C GLN B 172 -23.39 8.69 -16.23
N SER B 173 -22.47 9.66 -16.26
CA SER B 173 -22.79 11.00 -16.73
C SER B 173 -23.19 11.01 -18.21
N ASN B 174 -22.68 10.05 -18.99
CA ASN B 174 -23.09 9.95 -20.39
C ASN B 174 -24.43 9.25 -20.55
N ASN B 175 -25.19 9.08 -19.47
CA ASN B 175 -26.52 8.47 -19.42
C ASN B 175 -26.50 6.98 -19.76
N LYS B 176 -25.34 6.39 -19.97
CA LYS B 176 -25.22 4.95 -20.15
C LYS B 176 -24.79 4.31 -18.83
N TYR B 177 -24.82 2.98 -18.79
CA TYR B 177 -24.56 2.25 -17.55
C TYR B 177 -23.16 1.64 -17.55
N ALA B 178 -22.69 1.33 -16.34
CA ALA B 178 -21.40 0.70 -16.14
C ALA B 178 -21.49 -0.30 -15.00
N ALA B 179 -20.66 -1.33 -15.06
CA ALA B 179 -20.56 -2.31 -14.00
C ALA B 179 -19.16 -2.90 -14.02
N SER B 180 -18.84 -3.69 -13.00
CA SER B 180 -17.53 -4.32 -12.89
C SER B 180 -17.68 -5.73 -12.34
N SER B 181 -16.71 -6.58 -12.66
CA SER B 181 -16.71 -7.93 -12.14
C SER B 181 -15.28 -8.38 -11.83
N TYR B 182 -15.16 -9.22 -10.80
CA TYR B 182 -13.88 -9.65 -10.27
C TYR B 182 -13.82 -11.16 -10.23
N LEU B 183 -12.70 -11.72 -10.71
CA LEU B 183 -12.42 -13.14 -10.55
C LEU B 183 -11.17 -13.28 -9.69
N SER B 184 -11.33 -13.80 -8.49
CA SER B 184 -10.21 -14.06 -7.58
C SER B 184 -9.67 -15.46 -7.81
N LEU B 185 -8.37 -15.55 -8.02
CA LEU B 185 -7.70 -16.82 -8.24
C LEU B 185 -6.45 -16.86 -7.38
N THR B 186 -5.93 -18.06 -7.17
CA THR B 186 -4.56 -18.20 -6.70
C THR B 186 -3.63 -17.99 -7.87
N PRO B 187 -2.38 -17.61 -7.62
CA PRO B 187 -1.42 -17.52 -8.74
C PRO B 187 -1.26 -18.83 -9.48
N GLU B 188 -1.39 -19.96 -8.80
CA GLU B 188 -1.24 -21.25 -9.47
C GLU B 188 -2.39 -21.50 -10.44
N GLN B 189 -3.63 -21.20 -10.02
CA GLN B 189 -4.77 -21.32 -10.94
C GLN B 189 -4.62 -20.44 -12.16
N TRP B 190 -4.18 -19.20 -11.96
CA TRP B 190 -3.97 -18.30 -13.09
C TRP B 190 -2.96 -18.88 -14.06
N LYS B 191 -1.85 -19.40 -13.55
CA LYS B 191 -0.82 -19.95 -14.42
C LYS B 191 -1.17 -21.33 -14.96
N SER B 192 -2.14 -22.01 -14.35
CA SER B 192 -2.47 -23.36 -14.78
C SER B 192 -3.45 -23.40 -15.95
N HIS B 193 -3.79 -22.26 -16.55
CA HIS B 193 -4.73 -22.22 -17.66
C HIS B 193 -4.15 -21.39 -18.81
N ARG B 194 -4.51 -21.78 -20.03
CA ARG B 194 -4.05 -21.02 -21.18
C ARG B 194 -4.71 -19.64 -21.25
N SER B 195 -5.97 -19.52 -20.83
CA SER B 195 -6.61 -18.22 -20.94
C SER B 195 -7.80 -18.15 -19.99
N TYR B 196 -8.21 -16.91 -19.69
CA TYR B 196 -9.45 -16.64 -18.98
C TYR B 196 -10.26 -15.62 -19.76
N SER B 197 -11.57 -15.70 -19.65
CA SER B 197 -12.43 -14.80 -20.41
C SER B 197 -13.53 -14.21 -19.54
N CYS B 198 -13.84 -12.96 -19.78
CA CYS B 198 -14.97 -12.28 -19.20
C CYS B 198 -16.00 -12.13 -20.31
N GLN B 199 -17.14 -12.78 -20.16
CA GLN B 199 -18.18 -12.76 -21.18
C GLN B 199 -19.34 -11.95 -20.64
N VAL B 200 -19.67 -10.88 -21.35
CA VAL B 200 -20.76 -10.01 -20.93
C VAL B 200 -21.89 -10.18 -21.93
N THR B 201 -23.06 -10.52 -21.41
CA THR B 201 -24.27 -10.71 -22.20
C THR B 201 -25.22 -9.53 -21.94
N HIS B 202 -25.66 -8.89 -23.02
CA HIS B 202 -26.51 -7.71 -22.95
C HIS B 202 -27.53 -7.80 -24.07
N GLU B 203 -28.82 -7.90 -23.72
CA GLU B 203 -29.91 -7.96 -24.71
C GLU B 203 -29.63 -9.04 -25.75
N GLY B 204 -29.33 -10.25 -25.27
CA GLY B 204 -29.12 -11.40 -26.13
C GLY B 204 -27.85 -11.43 -26.95
N SER B 205 -26.92 -10.50 -26.77
CA SER B 205 -25.65 -10.53 -27.47
C SER B 205 -24.50 -10.54 -26.47
N THR B 206 -23.48 -11.34 -26.75
CA THR B 206 -22.38 -11.54 -25.82
C THR B 206 -21.11 -10.89 -26.36
N VAL B 207 -20.49 -10.06 -25.53
CA VAL B 207 -19.18 -9.48 -25.80
C VAL B 207 -18.18 -10.14 -24.86
N GLU B 208 -17.08 -10.61 -25.44
CA GLU B 208 -16.10 -11.42 -24.72
C GLU B 208 -14.74 -10.74 -24.77
N LYS B 209 -14.02 -10.77 -23.65
CA LYS B 209 -12.62 -10.41 -23.62
C LYS B 209 -11.84 -11.55 -22.95
N THR B 210 -10.60 -11.73 -23.38
CA THR B 210 -9.79 -12.87 -22.96
C THR B 210 -8.38 -12.41 -22.64
N VAL B 211 -7.80 -12.95 -21.57
CA VAL B 211 -6.43 -12.68 -21.17
C VAL B 211 -5.71 -14.00 -20.95
N ALA B 212 -4.39 -13.95 -21.07
CA ALA B 212 -3.58 -15.13 -20.96
C ALA B 212 -2.38 -14.82 -20.07
N PRO B 213 -1.93 -15.78 -19.27
CA PRO B 213 -0.72 -15.58 -18.46
C PRO B 213 0.50 -15.18 -19.26
N THR B 214 0.57 -15.51 -20.54
CA THR B 214 1.77 -15.28 -21.33
C THR B 214 1.63 -13.99 -22.14
N VAL C 1 -75.94 6.96 2.11
CA VAL C 1 -74.66 6.99 2.80
C VAL C 1 -74.74 6.10 4.03
N SER C 2 -73.67 5.35 4.31
CA SER C 2 -73.64 4.49 5.50
C SER C 2 -72.27 4.58 6.14
N TYR C 3 -72.24 4.93 7.42
CA TYR C 3 -70.99 5.12 8.13
C TYR C 3 -70.49 3.83 8.77
N SER C 4 -69.20 3.61 8.69
CA SER C 4 -68.56 2.62 9.54
C SER C 4 -68.04 3.31 10.79
N LEU C 5 -67.74 2.52 11.79
CA LEU C 5 -67.25 3.08 13.05
C LEU C 5 -65.92 3.79 12.86
N CYS C 6 -65.77 4.92 13.52
CA CYS C 6 -64.48 5.59 13.57
C CYS C 6 -63.45 4.68 14.22
N THR C 7 -62.23 4.69 13.69
CA THR C 7 -61.23 3.70 14.05
C THR C 7 -60.10 4.26 14.89
N ALA C 8 -59.85 5.57 14.84
CA ALA C 8 -58.72 6.15 15.54
C ALA C 8 -59.14 6.64 16.93
N ALA C 9 -58.18 7.26 17.61
CA ALA C 9 -58.36 7.69 18.99
C ALA C 9 -59.22 8.95 19.09
N PHE C 10 -60.01 9.02 20.15
CA PHE C 10 -60.71 10.22 20.56
C PHE C 10 -60.05 10.81 21.79
N THR C 11 -60.37 12.08 22.06
CA THR C 11 -59.96 12.73 23.29
C THR C 11 -60.98 13.79 23.64
N PHE C 12 -61.29 13.93 24.94
CA PHE C 12 -62.19 14.97 25.41
C PHE C 12 -61.52 16.31 25.23
N THR C 13 -62.24 17.27 24.64
CA THR C 13 -61.73 18.63 24.55
C THR C 13 -62.35 19.57 25.58
N LYS C 14 -63.37 19.12 26.33
CA LYS C 14 -63.89 19.88 27.46
C LYS C 14 -64.46 18.89 28.47
N ILE C 15 -64.57 19.36 29.70
CA ILE C 15 -65.18 18.55 30.77
C ILE C 15 -66.63 18.26 30.41
N PRO C 16 -67.08 17.01 30.47
CA PRO C 16 -68.48 16.70 30.19
C PRO C 16 -69.38 17.51 31.10
N ALA C 17 -70.50 18.00 30.56
CA ALA C 17 -71.32 19.01 31.20
C ALA C 17 -72.75 18.53 31.34
N GLU C 18 -73.30 18.67 32.53
CA GLU C 18 -74.68 18.30 32.78
C GLU C 18 -75.61 19.32 32.13
N THR C 19 -76.66 18.80 31.49
CA THR C 19 -77.69 19.66 30.92
C THR C 19 -78.79 19.91 31.95
N LEU C 20 -79.71 20.82 31.59
CA LEU C 20 -80.85 21.08 32.45
C LEU C 20 -81.72 19.83 32.65
N HIS C 21 -81.73 18.93 31.67
CA HIS C 21 -82.53 17.71 31.76
C HIS C 21 -81.87 16.60 32.57
N GLY C 22 -80.69 16.84 33.13
CA GLY C 22 -79.95 15.77 33.75
C GLY C 22 -79.19 14.87 32.78
N THR C 23 -79.19 15.21 31.47
CA THR C 23 -78.32 14.52 30.52
C THR C 23 -76.92 15.14 30.59
N VAL C 24 -75.98 14.59 29.83
CA VAL C 24 -74.63 15.14 29.79
C VAL C 24 -74.17 15.28 28.33
N THR C 25 -73.57 16.42 28.02
CA THR C 25 -72.96 16.66 26.73
C THR C 25 -71.45 16.54 26.82
N VAL C 26 -70.85 15.85 25.85
CA VAL C 26 -69.40 15.69 25.79
C VAL C 26 -68.94 16.17 24.43
N GLU C 27 -67.76 16.79 24.40
CA GLU C 27 -67.13 17.23 23.17
C GLU C 27 -65.83 16.45 23.01
N VAL C 28 -65.66 15.84 21.84
CA VAL C 28 -64.49 15.02 21.58
C VAL C 28 -63.82 15.48 20.29
N GLN C 29 -62.51 15.38 20.29
CA GLN C 29 -61.68 15.58 19.12
C GLN C 29 -61.29 14.22 18.61
N TYR C 30 -61.22 14.07 17.30
CA TYR C 30 -60.98 12.77 16.68
C TYR C 30 -59.70 12.81 15.87
N ALA C 31 -58.85 11.79 16.07
CA ALA C 31 -57.52 11.74 15.49
C ALA C 31 -57.47 11.27 14.03
N GLY C 32 -58.48 10.60 13.54
CA GLY C 32 -58.41 9.98 12.23
C GLY C 32 -58.89 10.86 11.08
N THR C 33 -58.65 10.36 9.87
CA THR C 33 -59.09 10.98 8.62
C THR C 33 -60.15 10.16 7.92
N ASP C 34 -60.51 9.01 8.46
CA ASP C 34 -61.51 8.10 7.87
C ASP C 34 -62.95 8.61 8.05
N GLY C 35 -63.12 9.85 8.50
CA GLY C 35 -64.42 10.50 8.51
C GLY C 35 -64.98 10.67 7.10
N PRO C 36 -66.31 10.82 6.96
CA PRO C 36 -67.27 10.78 8.06
C PRO C 36 -67.47 9.37 8.59
N CYS C 37 -67.57 9.27 9.91
CA CYS C 37 -67.64 7.97 10.54
C CYS C 37 -68.41 8.10 11.85
N LYS C 38 -68.85 6.95 12.36
CA LYS C 38 -69.74 6.89 13.50
C LYS C 38 -68.94 6.87 14.80
N VAL C 39 -69.27 7.76 15.72
CA VAL C 39 -68.58 7.83 17.02
C VAL C 39 -69.08 6.72 17.94
N PRO C 40 -68.21 5.81 18.37
CA PRO C 40 -68.62 4.81 19.36
C PRO C 40 -68.84 5.51 20.70
N ALA C 41 -70.05 5.41 21.23
CA ALA C 41 -70.42 6.11 22.45
C ALA C 41 -71.44 5.28 23.21
N GLN C 42 -71.24 5.17 24.52
CA GLN C 42 -72.17 4.49 25.40
C GLN C 42 -71.83 4.87 26.83
N MET C 43 -72.74 4.55 27.73
CA MET C 43 -72.46 4.49 29.16
C MET C 43 -72.25 3.03 29.57
N ALA C 44 -71.44 2.84 30.61
CA ALA C 44 -71.31 1.52 31.20
C ALA C 44 -71.07 1.68 32.70
N VAL C 45 -71.40 0.63 33.47
CA VAL C 45 -70.93 0.54 34.85
C VAL C 45 -69.85 -0.53 35.00
N ASP C 46 -69.87 -1.57 34.17
CA ASP C 46 -68.90 -2.67 34.24
C ASP C 46 -67.88 -2.45 33.13
N MET C 47 -66.67 -2.06 33.52
CA MET C 47 -65.66 -1.67 32.54
C MET C 47 -65.00 -2.85 31.85
N GLN C 48 -65.21 -4.09 32.31
CA GLN C 48 -64.62 -5.20 31.58
C GLN C 48 -65.59 -5.81 30.58
N THR C 49 -66.90 -5.79 30.86
CA THR C 49 -67.90 -6.24 29.90
C THR C 49 -68.40 -5.12 29.00
N LEU C 50 -68.44 -3.87 29.51
CA LEU C 50 -68.99 -2.71 28.80
C LEU C 50 -70.46 -2.89 28.44
N THR C 51 -71.22 -3.63 29.26
CA THR C 51 -72.65 -3.77 29.05
C THR C 51 -73.33 -2.40 29.09
N PRO C 52 -74.11 -2.03 28.07
CA PRO C 52 -74.68 -0.67 28.02
C PRO C 52 -75.67 -0.40 29.14
N VAL C 53 -75.61 0.82 29.66
CA VAL C 53 -76.59 1.38 30.57
C VAL C 53 -76.93 2.76 30.03
N GLY C 54 -78.06 3.29 30.51
CA GLY C 54 -78.52 4.55 29.98
C GLY C 54 -78.77 4.39 28.49
N ARG C 55 -78.70 5.51 27.78
CA ARG C 55 -78.88 5.47 26.34
C ARG C 55 -78.24 6.70 25.73
N LEU C 56 -78.22 6.72 24.40
CA LEU C 56 -77.77 7.87 23.62
C LEU C 56 -78.94 8.78 23.29
N ILE C 57 -78.75 10.08 23.48
CA ILE C 57 -79.74 11.03 22.99
C ILE C 57 -79.48 11.34 21.52
N THR C 58 -78.23 11.68 21.21
CA THR C 58 -77.83 11.95 19.84
C THR C 58 -78.03 10.73 18.94
N ALA C 59 -78.98 10.82 18.02
CA ALA C 59 -79.12 9.81 16.98
C ALA C 59 -78.00 10.01 15.96
N ASN C 60 -77.31 8.92 15.63
CA ASN C 60 -76.23 8.94 14.65
C ASN C 60 -75.15 9.97 15.00
N PRO C 61 -74.43 9.81 16.12
CA PRO C 61 -73.29 10.70 16.39
C PRO C 61 -72.16 10.41 15.41
N VAL C 62 -71.73 11.40 14.67
CA VAL C 62 -70.75 11.17 13.61
C VAL C 62 -69.69 12.25 13.65
N ILE C 63 -68.47 11.85 13.35
CA ILE C 63 -67.49 12.80 12.86
C ILE C 63 -67.81 13.05 11.40
N THR C 64 -67.87 14.32 11.00
CA THR C 64 -68.25 14.63 9.64
C THR C 64 -67.07 14.93 8.73
N GLU C 65 -65.97 15.47 9.28
CA GLU C 65 -64.82 15.81 8.47
C GLU C 65 -63.99 14.57 8.13
N SER C 66 -63.36 14.62 6.96
CA SER C 66 -62.41 13.61 6.51
C SER C 66 -60.97 14.03 6.74
N THR C 67 -60.75 14.95 7.69
CA THR C 67 -59.41 15.36 8.14
C THR C 67 -59.31 15.14 9.65
N GLU C 68 -58.09 15.25 10.16
CA GLU C 68 -57.79 14.96 11.56
C GLU C 68 -58.16 16.14 12.45
N ASN C 69 -58.35 15.82 13.74
CA ASN C 69 -58.53 16.80 14.82
C ASN C 69 -59.81 17.60 14.69
N SER C 70 -60.83 17.05 14.04
CA SER C 70 -62.12 17.71 14.08
C SER C 70 -62.80 17.42 15.41
N LYS C 71 -63.75 18.28 15.77
CA LYS C 71 -64.44 18.23 17.05
C LYS C 71 -65.90 17.93 16.80
N MET C 72 -66.48 17.04 17.59
CA MET C 72 -67.92 16.84 17.55
C MET C 72 -68.43 16.81 18.99
N MET C 73 -69.74 17.00 19.12
CA MET C 73 -70.42 17.02 20.40
C MET C 73 -71.54 15.99 20.36
N LEU C 74 -71.76 15.31 21.48
CA LEU C 74 -72.88 14.40 21.57
C LEU C 74 -73.47 14.48 22.97
N GLU C 75 -74.64 13.89 23.12
CA GLU C 75 -75.40 13.98 24.35
C GLU C 75 -75.79 12.57 24.77
N LEU C 76 -75.55 12.26 26.04
CA LEU C 76 -75.88 10.94 26.56
C LEU C 76 -76.89 11.08 27.69
N ASP C 77 -77.66 10.01 27.88
CA ASP C 77 -78.68 9.97 28.94
C ASP C 77 -78.20 8.96 29.98
N PRO C 78 -77.55 9.41 31.04
CA PRO C 78 -76.93 8.48 32.00
C PRO C 78 -77.96 7.88 32.93
N PRO C 79 -77.75 6.65 33.37
CA PRO C 79 -78.59 6.10 34.44
C PRO C 79 -78.38 6.92 35.71
N PHE C 80 -79.34 6.81 36.63
CA PHE C 80 -79.15 7.41 37.95
C PHE C 80 -78.00 6.74 38.67
N GLY C 81 -77.26 7.54 39.43
CA GLY C 81 -76.15 7.00 40.18
C GLY C 81 -74.86 7.09 39.40
N ASP C 82 -73.99 6.11 39.62
CA ASP C 82 -72.64 6.08 39.09
C ASP C 82 -72.59 5.29 37.79
N SER C 83 -71.82 5.79 36.84
CA SER C 83 -71.55 5.10 35.59
C SER C 83 -70.37 5.79 34.90
N TYR C 84 -70.01 5.27 33.74
CA TYR C 84 -68.92 5.79 32.93
C TYR C 84 -69.42 6.22 31.57
N ILE C 85 -69.01 7.41 31.13
CA ILE C 85 -69.04 7.79 29.73
C ILE C 85 -67.90 7.07 29.03
N VAL C 86 -68.21 6.38 27.92
CA VAL C 86 -67.21 5.62 27.19
C VAL C 86 -67.30 6.00 25.72
N ILE C 87 -66.23 6.60 25.20
CA ILE C 87 -66.13 7.00 23.80
C ILE C 87 -64.97 6.23 23.17
N GLY C 88 -65.25 5.58 22.05
CA GLY C 88 -64.23 4.81 21.38
C GLY C 88 -64.37 3.33 21.68
N VAL C 89 -63.43 2.56 21.13
CA VAL C 89 -63.40 1.11 21.26
C VAL C 89 -61.96 0.68 21.51
N GLY C 90 -61.80 -0.48 22.16
CA GLY C 90 -60.46 -1.01 22.33
C GLY C 90 -59.63 -0.22 23.32
N GLU C 91 -58.32 -0.47 23.28
CA GLU C 91 -57.41 0.11 24.26
C GLU C 91 -57.35 1.64 24.17
N LYS C 92 -57.84 2.22 23.07
CA LYS C 92 -57.80 3.67 22.93
C LYS C 92 -59.05 4.37 23.47
N LYS C 93 -60.09 3.63 23.84
CA LYS C 93 -61.31 4.26 24.34
C LYS C 93 -61.01 5.17 25.52
N ILE C 94 -61.72 6.29 25.58
CA ILE C 94 -61.59 7.20 26.70
C ILE C 94 -62.84 7.06 27.56
N THR C 95 -62.66 7.28 28.87
CA THR C 95 -63.74 7.15 29.83
C THR C 95 -63.77 8.35 30.76
N HIS C 96 -64.94 8.62 31.30
CA HIS C 96 -65.11 9.66 32.32
C HIS C 96 -66.22 9.21 33.26
N HIS C 97 -65.89 9.08 34.53
CA HIS C 97 -66.85 8.66 35.53
C HIS C 97 -67.92 9.73 35.71
N TRP C 98 -69.18 9.32 35.68
CA TRP C 98 -70.30 10.24 35.78
C TRP C 98 -71.16 9.86 36.98
N HIS C 99 -71.63 10.87 37.70
CA HIS C 99 -72.64 10.64 38.74
C HIS C 99 -73.87 11.48 38.45
N ARG C 100 -75.02 10.82 38.35
CA ARG C 100 -76.27 11.51 38.06
C ARG C 100 -77.14 11.57 39.31
N SER C 101 -77.59 12.78 39.63
CA SER C 101 -78.58 13.04 40.67
C SER C 101 -77.87 13.00 42.00
N GLU D 1 38.52 18.03 -10.57
CA GLU D 1 38.35 16.96 -9.58
C GLU D 1 37.79 15.74 -10.29
N VAL D 2 38.63 14.71 -10.42
CA VAL D 2 38.26 13.53 -11.17
C VAL D 2 37.06 12.83 -10.55
N GLN D 3 36.11 12.43 -11.38
CA GLN D 3 34.90 11.83 -10.90
C GLN D 3 34.39 10.80 -11.90
N LEU D 4 33.93 9.65 -11.39
CA LEU D 4 33.22 8.66 -12.17
C LEU D 4 31.80 8.56 -11.63
N VAL D 5 30.81 8.84 -12.47
CA VAL D 5 29.40 8.84 -12.08
C VAL D 5 28.71 7.71 -12.83
N GLN D 6 28.10 6.80 -12.08
CA GLN D 6 27.55 5.60 -12.65
C GLN D 6 26.03 5.72 -12.80
N SER D 7 25.48 4.90 -13.68
CA SER D 7 24.04 4.84 -13.85
C SER D 7 23.38 4.22 -12.62
N GLY D 8 22.03 4.34 -12.57
CA GLY D 8 21.26 3.98 -11.40
C GLY D 8 21.05 2.49 -11.24
N ALA D 9 20.47 2.12 -10.09
CA ALA D 9 20.23 0.73 -9.73
C ALA D 9 19.46 0.01 -10.83
N GLU D 10 19.73 -1.28 -10.98
CA GLU D 10 19.09 -2.13 -11.97
C GLU D 10 18.47 -3.32 -11.27
N VAL D 11 17.32 -3.75 -11.75
CA VAL D 11 16.68 -4.98 -11.29
C VAL D 11 16.50 -5.88 -12.51
N LYS D 12 16.91 -7.14 -12.39
CA LYS D 12 16.85 -8.06 -13.50
C LYS D 12 16.40 -9.44 -13.04
N LYS D 13 15.82 -10.22 -13.98
CA LYS D 13 15.44 -11.61 -13.82
C LYS D 13 16.60 -12.50 -14.22
N PRO D 14 16.71 -13.69 -13.65
CA PRO D 14 17.73 -14.64 -14.12
C PRO D 14 17.59 -14.88 -15.60
N GLY D 15 18.72 -14.89 -16.28
CA GLY D 15 18.79 -15.05 -17.71
C GLY D 15 18.89 -13.74 -18.48
N ALA D 16 18.53 -12.64 -17.84
CA ALA D 16 18.54 -11.35 -18.54
C ALA D 16 19.97 -10.86 -18.64
N SER D 17 20.12 -9.63 -19.11
CA SER D 17 21.42 -8.98 -19.15
C SER D 17 21.26 -7.55 -18.66
N VAL D 18 22.37 -6.96 -18.22
CA VAL D 18 22.36 -5.62 -17.66
C VAL D 18 23.54 -4.85 -18.24
N LYS D 19 23.33 -3.57 -18.52
CA LYS D 19 24.39 -2.69 -19.01
C LYS D 19 24.50 -1.49 -18.07
N VAL D 20 25.64 -1.35 -17.42
CA VAL D 20 25.90 -0.27 -16.48
C VAL D 20 26.81 0.73 -17.17
N SER D 21 26.59 2.01 -16.92
CA SER D 21 27.39 3.06 -17.51
C SER D 21 28.18 3.79 -16.42
N CYS D 22 29.23 4.45 -16.86
CA CYS D 22 30.19 5.07 -15.95
C CYS D 22 30.73 6.29 -16.69
N LYS D 23 30.31 7.48 -16.26
CA LYS D 23 30.67 8.72 -16.93
C LYS D 23 31.85 9.39 -16.21
N ALA D 24 32.92 9.62 -16.95
CA ALA D 24 34.13 10.24 -16.41
C ALA D 24 34.08 11.76 -16.59
N SER D 25 34.69 12.48 -15.65
CA SER D 25 34.83 13.93 -15.76
C SER D 25 36.03 14.36 -14.93
N GLY D 26 36.47 15.60 -15.15
CA GLY D 26 37.60 16.16 -14.45
C GLY D 26 38.97 15.83 -15.03
N TYR D 27 39.05 14.97 -16.03
CA TYR D 27 40.30 14.69 -16.72
C TYR D 27 40.01 14.33 -18.17
N THR D 28 41.07 14.18 -18.95
CA THR D 28 40.92 13.84 -20.37
C THR D 28 40.72 12.34 -20.52
N PHE D 29 39.52 11.96 -20.97
CA PHE D 29 39.08 10.56 -20.98
C PHE D 29 39.98 9.67 -21.83
N THR D 30 40.54 10.23 -22.91
CA THR D 30 41.37 9.45 -23.81
C THR D 30 42.78 10.02 -23.87
N SER D 31 43.75 9.13 -24.11
CA SER D 31 45.16 9.55 -24.18
C SER D 31 45.50 10.16 -25.53
N GLY D 32 45.49 9.35 -26.60
CA GLY D 32 45.87 9.92 -27.89
C GLY D 32 47.31 10.40 -28.01
N HIS D 33 48.26 9.61 -27.52
CA HIS D 33 49.71 9.85 -27.57
C HIS D 33 50.26 10.98 -26.69
N THR D 34 49.42 11.87 -26.19
CA THR D 34 49.94 13.08 -25.54
C THR D 34 49.51 13.25 -24.10
N PHE D 35 48.30 12.91 -23.77
CA PHE D 35 47.83 13.13 -22.41
C PHE D 35 47.92 11.84 -21.60
N PRO D 36 48.03 11.96 -20.28
CA PRO D 36 48.08 10.78 -19.42
C PRO D 36 46.95 9.80 -19.70
N SER D 37 47.32 8.52 -19.78
CA SER D 37 46.40 7.46 -20.16
C SER D 37 45.81 6.81 -18.93
N TYR D 38 44.48 6.68 -18.90
CA TYR D 38 43.79 6.00 -17.81
C TYR D 38 42.81 5.00 -18.40
N ASP D 39 42.86 3.77 -17.88
CA ASP D 39 41.90 2.73 -18.20
C ASP D 39 40.72 2.77 -17.23
N ILE D 40 39.63 2.13 -17.64
CA ILE D 40 38.46 1.92 -16.80
C ILE D 40 38.41 0.44 -16.46
N ASN D 41 38.50 0.11 -15.17
CA ASN D 41 38.28 -1.25 -14.71
C ASN D 41 36.92 -1.35 -14.03
N TRP D 42 36.42 -2.59 -13.94
CA TRP D 42 35.15 -2.85 -13.28
C TRP D 42 35.36 -3.87 -12.19
N VAL D 43 34.78 -3.60 -11.02
CA VAL D 43 34.89 -4.41 -9.82
C VAL D 43 33.51 -4.52 -9.19
N ARG D 44 33.13 -5.72 -8.78
CA ARG D 44 31.83 -5.91 -8.16
C ARG D 44 32.00 -6.44 -6.74
N GLN D 45 30.93 -6.31 -5.95
CA GLN D 45 30.96 -6.67 -4.54
C GLN D 45 29.56 -7.08 -4.11
N ALA D 46 29.37 -8.35 -3.78
CA ALA D 46 28.11 -8.78 -3.17
C ALA D 46 28.02 -8.21 -1.75
N THR D 47 26.79 -8.00 -1.27
CA THR D 47 26.61 -7.39 0.04
C THR D 47 27.30 -8.23 1.13
N GLY D 48 28.16 -7.57 1.90
CA GLY D 48 28.89 -8.30 2.91
C GLY D 48 29.95 -9.23 2.40
N GLN D 49 30.29 -9.17 1.10
CA GLN D 49 31.32 -10.00 0.49
C GLN D 49 32.47 -9.11 0.03
N GLY D 50 33.47 -9.74 -0.59
CA GLY D 50 34.69 -9.05 -0.96
C GLY D 50 34.59 -8.38 -2.31
N LEU D 51 35.74 -7.90 -2.78
CA LEU D 51 35.84 -7.30 -4.10
C LEU D 51 36.28 -8.34 -5.11
N GLU D 52 35.70 -8.27 -6.30
CA GLU D 52 35.94 -9.23 -7.35
C GLU D 52 36.16 -8.46 -8.66
N TRP D 53 37.31 -8.69 -9.28
CA TRP D 53 37.65 -7.98 -10.50
C TRP D 53 36.94 -8.61 -11.69
N MET D 54 36.46 -7.77 -12.60
CA MET D 54 35.75 -8.24 -13.78
C MET D 54 36.51 -8.07 -15.07
N GLY D 55 37.21 -6.96 -15.24
CA GLY D 55 37.94 -6.74 -16.46
C GLY D 55 38.39 -5.30 -16.55
N TRP D 56 39.18 -5.02 -17.60
CA TRP D 56 39.69 -3.69 -17.86
C TRP D 56 39.36 -3.26 -19.28
N MET D 57 39.29 -1.94 -19.46
CA MET D 57 39.06 -1.35 -20.77
C MET D 57 39.88 -0.09 -20.90
N ASN D 58 40.69 -0.03 -21.95
CA ASN D 58 41.35 1.21 -22.33
C ASN D 58 40.44 1.98 -23.25
N PRO D 59 39.94 3.16 -22.85
CA PRO D 59 38.92 3.85 -23.66
C PRO D 59 39.47 4.46 -24.95
N ASN D 60 40.78 4.44 -25.17
CA ASN D 60 41.39 4.97 -26.39
C ASN D 60 41.06 4.15 -27.62
N ARG D 61 41.55 2.91 -27.65
CA ARG D 61 41.24 2.01 -28.75
C ARG D 61 40.02 1.16 -28.44
N GLY D 62 39.62 1.11 -27.17
CA GLY D 62 38.51 0.28 -26.79
C GLY D 62 38.90 -1.15 -26.53
N ASN D 63 40.19 -1.48 -26.54
CA ASN D 63 40.62 -2.83 -26.24
C ASN D 63 40.34 -3.14 -24.78
N THR D 64 40.27 -4.43 -24.47
CA THR D 64 39.79 -4.91 -23.17
C THR D 64 40.59 -6.11 -22.72
N GLY D 65 40.40 -6.46 -21.45
CA GLY D 65 40.88 -7.71 -20.88
C GLY D 65 39.91 -8.11 -19.78
N TYR D 66 39.31 -9.29 -19.87
CA TYR D 66 38.30 -9.73 -18.93
C TYR D 66 38.86 -10.81 -18.01
N ALA D 67 38.44 -10.77 -16.75
CA ALA D 67 38.73 -11.87 -15.84
C ALA D 67 38.15 -13.17 -16.38
N GLN D 68 38.87 -14.27 -16.16
CA GLN D 68 38.49 -15.56 -16.76
C GLN D 68 37.07 -15.98 -16.38
N LYS D 69 36.67 -15.68 -15.13
CA LYS D 69 35.36 -16.10 -14.62
C LYS D 69 34.23 -15.49 -15.42
N PHE D 70 34.44 -14.31 -16.01
CA PHE D 70 33.40 -13.61 -16.75
C PHE D 70 33.60 -13.65 -18.27
N GLN D 71 34.66 -14.26 -18.78
CA GLN D 71 34.91 -14.28 -20.21
C GLN D 71 33.80 -15.05 -20.91
N GLY D 72 33.20 -14.43 -21.92
CA GLY D 72 32.10 -15.02 -22.61
C GLY D 72 30.74 -14.48 -22.22
N ARG D 73 30.61 -13.76 -21.10
CA ARG D 73 29.34 -13.11 -20.84
C ARG D 73 29.50 -11.66 -20.41
N VAL D 74 30.67 -11.05 -20.60
CA VAL D 74 30.88 -9.66 -20.24
C VAL D 74 31.47 -8.92 -21.42
N THR D 75 31.06 -7.66 -21.58
CA THR D 75 31.53 -6.81 -22.66
C THR D 75 31.69 -5.42 -22.13
N MET D 76 32.87 -4.83 -22.33
CA MET D 76 33.16 -3.48 -21.89
C MET D 76 33.40 -2.63 -23.12
N THR D 77 32.63 -1.55 -23.24
CA THR D 77 32.64 -0.67 -24.39
C THR D 77 32.71 0.77 -23.90
N ARG D 78 32.69 1.72 -24.84
CA ARG D 78 32.64 3.13 -24.46
C ARG D 78 32.13 3.95 -25.62
N ASN D 79 31.46 5.05 -25.28
CA ASN D 79 31.10 6.12 -26.20
C ASN D 79 32.00 7.29 -25.79
N THR D 80 33.09 7.50 -26.54
CA THR D 80 34.08 8.50 -26.13
C THR D 80 33.51 9.90 -26.20
N SER D 81 32.53 10.13 -27.06
CA SER D 81 32.03 11.49 -27.25
C SER D 81 31.25 11.98 -26.05
N ILE D 82 30.92 11.10 -25.11
CA ILE D 82 30.22 11.50 -23.88
C ILE D 82 30.99 10.98 -22.66
N ASN D 83 32.25 10.60 -22.86
CA ASN D 83 33.16 10.24 -21.76
C ASN D 83 32.55 9.11 -20.90
N THR D 84 31.85 8.19 -21.53
CA THR D 84 31.12 7.16 -20.82
C THR D 84 31.63 5.79 -21.24
N ALA D 85 32.00 4.98 -20.25
CA ALA D 85 32.29 3.57 -20.42
C ALA D 85 31.08 2.74 -20.00
N TYR D 86 31.01 1.52 -20.52
CA TYR D 86 29.87 0.63 -20.28
C TYR D 86 30.37 -0.76 -19.92
N MET D 87 29.62 -1.43 -19.04
CA MET D 87 29.84 -2.83 -18.74
C MET D 87 28.52 -3.56 -18.91
N GLU D 88 28.52 -4.60 -19.72
CA GLU D 88 27.34 -5.41 -19.97
C GLU D 88 27.61 -6.83 -19.55
N LEU D 89 26.78 -7.36 -18.66
CA LEU D 89 26.87 -8.72 -18.17
C LEU D 89 25.61 -9.46 -18.56
N SER D 90 25.77 -10.61 -19.21
CA SER D 90 24.65 -11.39 -19.72
C SER D 90 24.53 -12.69 -18.95
N SER D 91 23.45 -13.42 -19.23
CA SER D 91 23.13 -14.65 -18.50
C SER D 91 23.19 -14.43 -16.99
N LEU D 92 22.50 -13.38 -16.54
CA LEU D 92 22.49 -12.99 -15.14
C LEU D 92 21.98 -14.13 -14.26
N ARG D 93 22.72 -14.45 -13.21
CA ARG D 93 22.31 -15.37 -12.16
C ARG D 93 22.11 -14.58 -10.88
N SER D 94 21.46 -15.22 -9.90
CA SER D 94 21.23 -14.51 -8.64
C SER D 94 22.54 -14.16 -7.94
N GLU D 95 23.58 -14.99 -8.12
CA GLU D 95 24.91 -14.72 -7.59
C GLU D 95 25.54 -13.48 -8.18
N ASP D 96 24.98 -12.93 -9.26
CA ASP D 96 25.48 -11.68 -9.82
C ASP D 96 24.91 -10.48 -9.09
N THR D 97 23.98 -10.70 -8.16
CA THR D 97 23.48 -9.62 -7.32
C THR D 97 24.64 -8.97 -6.57
N ALA D 98 24.82 -7.67 -6.75
CA ALA D 98 26.07 -7.09 -6.25
C ALA D 98 26.04 -5.61 -6.55
N VAL D 99 26.98 -4.90 -5.94
CA VAL D 99 27.30 -3.54 -6.35
C VAL D 99 28.45 -3.59 -7.36
N TYR D 100 28.25 -2.97 -8.52
CA TYR D 100 29.24 -2.97 -9.57
C TYR D 100 29.90 -1.60 -9.59
N TYR D 101 31.23 -1.59 -9.52
CA TYR D 101 32.00 -0.36 -9.51
C TYR D 101 32.83 -0.25 -10.78
N CYS D 102 32.85 0.93 -11.36
CA CYS D 102 33.92 1.24 -12.29
C CYS D 102 35.02 1.93 -11.51
N ALA D 103 36.25 1.77 -11.99
CA ALA D 103 37.41 2.34 -11.33
C ALA D 103 38.46 2.66 -12.38
N ARG D 104 39.12 3.80 -12.19
CA ARG D 104 40.13 4.28 -13.10
C ARG D 104 41.49 3.85 -12.59
N VAL D 105 42.34 3.38 -13.52
CA VAL D 105 43.71 3.05 -13.17
C VAL D 105 44.59 3.41 -14.35
N ARG D 106 45.77 3.97 -14.07
CA ARG D 106 46.68 4.36 -15.14
C ARG D 106 46.94 3.20 -16.07
N SER D 107 46.81 3.48 -17.35
CA SER D 107 46.95 2.46 -18.37
C SER D 107 48.22 1.65 -18.16
N GLY D 108 48.12 0.36 -18.42
CA GLY D 108 49.22 -0.57 -18.24
C GLY D 108 50.26 -0.51 -19.34
N THR D 109 51.28 -1.34 -19.16
CA THR D 109 52.38 -1.47 -20.10
C THR D 109 52.25 -2.79 -20.83
N ASN D 110 52.30 -2.73 -22.16
CA ASN D 110 52.25 -3.93 -22.95
C ASN D 110 53.63 -4.57 -23.01
N TYR D 111 53.68 -5.85 -22.67
CA TYR D 111 54.83 -6.69 -22.91
C TYR D 111 54.38 -7.70 -23.97
N GLY D 112 54.40 -7.26 -25.21
CA GLY D 112 53.79 -8.05 -26.26
C GLY D 112 52.32 -8.18 -25.99
N SER D 113 51.85 -9.42 -25.88
CA SER D 113 50.44 -9.69 -25.60
C SER D 113 50.10 -9.63 -24.11
N TYR D 114 51.05 -9.30 -23.25
CA TYR D 114 50.84 -9.33 -21.80
C TYR D 114 50.73 -7.93 -21.26
N TYR D 115 49.68 -7.69 -20.49
CA TYR D 115 49.36 -6.37 -19.95
C TYR D 115 49.79 -6.32 -18.49
N TYR D 116 50.40 -5.21 -18.10
CA TYR D 116 50.93 -5.03 -16.76
C TYR D 116 50.45 -3.72 -16.19
N TYR D 117 49.81 -3.77 -15.02
CA TYR D 117 49.39 -2.60 -14.26
C TYR D 117 50.36 -2.35 -13.12
N TYR D 118 50.73 -1.08 -12.93
CA TYR D 118 51.65 -0.72 -11.86
C TYR D 118 51.07 0.33 -10.91
N TYR D 119 49.78 0.65 -11.02
CA TYR D 119 49.14 1.68 -10.22
C TYR D 119 47.83 1.14 -9.67
N GLY D 120 47.34 1.77 -8.61
CA GLY D 120 46.10 1.36 -8.02
C GLY D 120 44.88 1.90 -8.74
N MET D 121 43.72 1.47 -8.28
CA MET D 121 42.44 2.00 -8.75
C MET D 121 42.18 3.30 -8.01
N ASP D 122 42.53 4.41 -8.64
CA ASP D 122 42.72 5.65 -7.90
C ASP D 122 41.45 6.47 -7.76
N VAL D 123 40.45 6.26 -8.62
CA VAL D 123 39.14 6.88 -8.48
C VAL D 123 38.10 5.80 -8.73
N TRP D 124 37.09 5.74 -7.86
CA TRP D 124 36.00 4.78 -7.99
C TRP D 124 34.69 5.53 -8.23
N GLY D 125 33.84 4.99 -9.08
CA GLY D 125 32.48 5.46 -9.15
C GLY D 125 31.75 5.15 -7.86
N GLN D 126 30.53 5.69 -7.74
CA GLN D 126 29.74 5.45 -6.53
C GLN D 126 29.14 4.06 -6.50
N GLY D 127 29.33 3.26 -7.54
CA GLY D 127 28.74 1.94 -7.52
C GLY D 127 27.34 1.92 -8.11
N THR D 128 26.96 0.77 -8.64
CA THR D 128 25.63 0.55 -9.17
C THR D 128 25.11 -0.78 -8.65
N THR D 129 23.95 -0.75 -8.00
CA THR D 129 23.37 -1.97 -7.47
C THR D 129 22.65 -2.71 -8.60
N VAL D 130 22.99 -3.98 -8.75
CA VAL D 130 22.25 -4.84 -9.67
C VAL D 130 21.67 -5.96 -8.84
N THR D 131 20.35 -6.07 -8.86
CA THR D 131 19.63 -7.12 -8.16
C THR D 131 19.16 -8.13 -9.19
N VAL D 132 19.55 -9.37 -9.02
CA VAL D 132 19.09 -10.44 -9.89
C VAL D 132 18.30 -11.41 -9.04
N SER D 133 17.00 -11.51 -9.33
CA SER D 133 16.14 -12.44 -8.60
C SER D 133 14.92 -12.71 -9.46
N SER D 134 14.31 -13.87 -9.20
CA SER D 134 13.09 -14.20 -9.93
C SER D 134 11.87 -13.43 -9.41
N ALA D 135 12.04 -12.63 -8.36
CA ALA D 135 10.93 -11.83 -7.84
C ALA D 135 10.54 -10.74 -8.83
N SER D 136 9.31 -10.24 -8.64
CA SER D 136 8.81 -9.13 -9.43
C SER D 136 8.63 -7.89 -8.57
N THR D 137 8.86 -6.74 -9.18
CA THR D 137 8.70 -5.47 -8.50
C THR D 137 7.34 -5.44 -7.83
N LYS D 138 7.32 -5.01 -6.56
CA LYS D 138 6.10 -4.95 -5.76
C LYS D 138 6.29 -3.87 -4.69
N GLY D 139 5.33 -2.97 -4.59
CA GLY D 139 5.34 -1.95 -3.57
C GLY D 139 5.03 -2.50 -2.19
N PRO D 140 5.39 -1.77 -1.15
CA PRO D 140 5.22 -2.27 0.21
C PRO D 140 3.80 -2.13 0.71
N SER D 141 3.47 -2.96 1.71
CA SER D 141 2.36 -2.69 2.60
C SER D 141 2.92 -1.97 3.82
N VAL D 142 2.26 -0.90 4.24
CA VAL D 142 2.70 -0.11 5.37
C VAL D 142 1.74 -0.35 6.52
N PHE D 143 2.27 -0.86 7.63
CA PHE D 143 1.47 -1.06 8.82
C PHE D 143 1.98 -0.13 9.92
N PRO D 144 1.08 0.42 10.73
CA PRO D 144 1.53 1.31 11.81
C PRO D 144 2.12 0.51 12.96
N LEU D 145 3.19 1.05 13.54
CA LEU D 145 3.76 0.51 14.77
C LEU D 145 3.34 1.48 15.88
N ALA D 146 2.22 1.16 16.51
CA ALA D 146 1.48 2.11 17.34
C ALA D 146 2.18 2.31 18.68
N PRO D 147 2.29 3.57 19.13
CA PRO D 147 2.88 3.81 20.45
C PRO D 147 1.93 3.32 21.53
N SER D 148 2.47 2.59 22.51
CA SER D 148 1.68 2.12 23.63
C SER D 148 2.48 2.33 24.91
N SER D 149 1.96 1.79 26.03
CA SER D 149 2.72 1.80 27.27
C SER D 149 3.93 0.89 27.19
N LYS D 150 3.86 -0.18 26.39
CA LYS D 150 5.02 -1.06 26.21
C LYS D 150 6.09 -0.41 25.34
N SER D 151 5.72 0.54 24.49
CA SER D 151 6.71 1.27 23.70
C SER D 151 7.17 2.56 24.38
N THR D 152 6.81 2.74 25.65
CA THR D 152 7.15 3.95 26.41
C THR D 152 8.13 3.63 27.53
N SER D 153 9.22 4.40 27.60
CA SER D 153 10.13 4.40 28.74
C SER D 153 10.18 5.84 29.27
N GLY D 154 9.63 6.06 30.46
CA GLY D 154 9.67 7.37 31.07
C GLY D 154 8.89 8.45 30.32
N GLY D 155 9.58 9.51 29.88
CA GLY D 155 8.89 10.57 29.16
C GLY D 155 8.84 10.43 27.66
N THR D 156 9.41 9.38 27.09
CA THR D 156 9.46 9.22 25.64
C THR D 156 8.63 8.02 25.19
N ALA D 157 8.07 8.14 24.00
CA ALA D 157 7.29 7.08 23.38
C ALA D 157 7.86 6.78 22.01
N ALA D 158 7.94 5.49 21.68
CA ALA D 158 8.41 5.04 20.37
C ALA D 158 7.21 4.71 19.49
N LEU D 159 7.20 5.26 18.27
CA LEU D 159 6.19 4.91 17.29
C LEU D 159 6.85 4.79 15.93
N GLY D 160 6.24 4.01 15.04
CA GLY D 160 6.88 3.77 13.76
C GLY D 160 5.96 3.24 12.69
N CYS D 161 6.58 2.81 11.59
CA CYS D 161 5.91 2.22 10.45
C CYS D 161 6.69 0.98 10.04
N LEU D 162 5.97 -0.12 9.80
CA LEU D 162 6.53 -1.34 9.25
C LEU D 162 6.30 -1.31 7.75
N VAL D 163 7.38 -1.37 6.98
CA VAL D 163 7.32 -1.30 5.53
C VAL D 163 7.57 -2.71 5.02
N LYS D 164 6.52 -3.42 4.67
CA LYS D 164 6.60 -4.87 4.54
C LYS D 164 6.47 -5.33 3.09
N ASP D 165 7.33 -6.28 2.72
CA ASP D 165 7.16 -7.10 1.52
C ASP D 165 7.24 -6.29 0.23
N TYR D 166 8.31 -5.54 0.06
CA TYR D 166 8.51 -4.78 -1.16
C TYR D 166 9.70 -5.33 -1.93
N PHE D 167 9.72 -5.04 -3.23
CA PHE D 167 10.82 -5.45 -4.10
C PHE D 167 10.88 -4.53 -5.32
N PRO D 168 12.06 -4.11 -5.77
CA PRO D 168 13.30 -4.34 -5.02
C PRO D 168 13.60 -3.19 -4.07
N GLU D 169 14.84 -3.14 -3.60
CA GLU D 169 15.35 -1.98 -2.87
C GLU D 169 15.47 -0.80 -3.82
N PRO D 170 15.43 0.44 -3.30
CA PRO D 170 15.24 0.82 -1.89
C PRO D 170 13.91 1.48 -1.62
N VAL D 171 13.58 1.70 -0.34
CA VAL D 171 12.51 2.61 0.03
C VAL D 171 13.12 3.71 0.89
N THR D 172 12.54 4.88 0.83
CA THR D 172 12.91 5.95 1.73
C THR D 172 11.73 6.27 2.62
N VAL D 173 12.01 6.60 3.88
CA VAL D 173 10.98 6.98 4.82
C VAL D 173 11.30 8.37 5.35
N SER D 174 10.31 9.24 5.33
CA SER D 174 10.34 10.50 6.03
C SER D 174 9.16 10.53 6.98
N TRP D 175 9.19 11.49 7.89
CA TRP D 175 8.12 11.68 8.85
C TRP D 175 7.61 13.10 8.72
N ASN D 176 6.29 13.23 8.61
CA ASN D 176 5.64 14.52 8.45
C ASN D 176 6.32 15.32 7.33
N SER D 177 6.54 14.62 6.21
CA SER D 177 7.05 15.21 4.97
C SER D 177 8.41 15.84 5.16
N GLY D 178 9.22 15.31 6.06
CA GLY D 178 10.54 15.81 6.32
C GLY D 178 10.66 16.76 7.49
N ALA D 179 9.53 17.32 7.96
CA ALA D 179 9.59 18.27 9.06
C ALA D 179 10.09 17.64 10.35
N LEU D 180 9.93 16.33 10.53
CA LEU D 180 10.27 15.67 11.77
C LEU D 180 11.48 14.78 11.50
N THR D 181 12.63 15.20 12.03
CA THR D 181 13.89 14.49 11.85
C THR D 181 14.51 14.05 13.18
N SER D 182 14.26 14.77 14.26
CA SER D 182 14.83 14.40 15.55
C SER D 182 14.22 13.09 16.02
N GLY D 183 15.07 12.17 16.46
CA GLY D 183 14.65 10.88 16.94
C GLY D 183 14.26 9.88 15.88
N VAL D 184 14.36 10.23 14.61
CA VAL D 184 13.98 9.31 13.55
C VAL D 184 15.14 8.37 13.27
N HIS D 185 14.88 7.07 13.33
CA HIS D 185 15.84 6.10 12.80
C HIS D 185 15.10 5.16 11.87
N THR D 186 15.54 5.10 10.62
CA THR D 186 15.04 4.16 9.64
C THR D 186 16.09 3.07 9.50
N PHE D 187 15.69 1.81 9.82
CA PHE D 187 16.60 0.68 9.88
C PHE D 187 16.81 0.06 8.49
N PRO D 188 17.96 -0.58 8.27
CA PRO D 188 18.19 -1.28 7.00
C PRO D 188 17.21 -2.41 6.81
N ALA D 189 17.10 -2.87 5.57
CA ALA D 189 16.11 -3.88 5.22
C ALA D 189 16.61 -5.28 5.52
N VAL D 190 15.65 -6.20 5.75
CA VAL D 190 15.93 -7.62 5.76
C VAL D 190 15.39 -8.19 4.46
N LEU D 191 15.98 -9.29 4.00
CA LEU D 191 15.52 -10.01 2.83
C LEU D 191 14.96 -11.35 3.29
N GLN D 192 13.65 -11.55 3.12
CA GLN D 192 13.01 -12.77 3.56
C GLN D 192 13.15 -13.86 2.50
N SER D 193 12.88 -15.10 2.91
CA SER D 193 12.99 -16.23 1.99
C SER D 193 12.07 -16.11 0.80
N SER D 194 11.04 -15.27 0.88
CA SER D 194 10.16 -15.02 -0.27
C SER D 194 10.82 -14.17 -1.34
N GLY D 195 12.00 -13.62 -1.08
CA GLY D 195 12.62 -12.69 -2.01
C GLY D 195 12.14 -11.26 -1.85
N LEU D 196 11.32 -10.99 -0.84
CA LEU D 196 10.79 -9.67 -0.58
C LEU D 196 11.50 -9.04 0.60
N TYR D 197 11.65 -7.72 0.55
CA TYR D 197 12.31 -6.96 1.59
C TYR D 197 11.30 -6.40 2.58
N SER D 198 11.80 -6.04 3.75
CA SER D 198 11.01 -5.39 4.81
C SER D 198 11.93 -4.45 5.58
N LEU D 199 11.41 -3.33 6.04
CA LEU D 199 12.22 -2.41 6.88
C LEU D 199 11.31 -1.68 7.84
N SER D 200 11.91 -1.02 8.81
CA SER D 200 11.15 -0.29 9.83
C SER D 200 11.68 1.12 10.03
N SER D 201 10.78 2.05 10.22
CA SER D 201 11.22 3.40 10.58
C SER D 201 10.54 3.76 11.90
N VAL D 202 11.31 4.19 12.87
CA VAL D 202 10.77 4.45 14.20
C VAL D 202 11.19 5.85 14.63
N VAL D 203 10.33 6.51 15.40
CA VAL D 203 10.65 7.82 15.93
C VAL D 203 10.35 7.81 17.43
N THR D 204 11.25 8.40 18.20
CA THR D 204 11.07 8.61 19.63
C THR D 204 10.58 10.03 19.86
N VAL D 205 9.43 10.15 20.51
CA VAL D 205 8.83 11.46 20.78
C VAL D 205 8.50 11.55 22.26
N PRO D 206 8.36 12.78 22.79
CA PRO D 206 7.81 12.93 24.14
C PRO D 206 6.39 12.37 24.22
N SER D 207 6.13 11.59 25.28
CA SER D 207 4.82 10.98 25.44
C SER D 207 3.70 12.01 25.50
N SER D 208 4.00 13.21 26.02
CA SER D 208 2.96 14.22 26.18
C SER D 208 2.41 14.69 24.83
N SER D 209 3.28 14.75 23.82
CA SER D 209 2.87 15.22 22.50
C SER D 209 2.01 14.20 21.77
N LEU D 210 1.81 13.01 22.34
CA LEU D 210 1.01 11.99 21.67
C LEU D 210 -0.41 12.47 21.40
N GLY D 211 -0.93 13.34 22.27
CA GLY D 211 -2.25 13.94 22.17
C GLY D 211 -2.30 15.31 21.51
N THR D 212 -1.15 15.86 21.10
CA THR D 212 -1.07 17.18 20.53
C THR D 212 -0.61 17.20 19.08
N GLN D 213 0.12 16.19 18.63
CA GLN D 213 0.76 16.15 17.33
C GLN D 213 0.29 14.94 16.53
N THR D 214 0.23 15.12 15.21
CA THR D 214 -0.03 14.02 14.29
C THR D 214 1.30 13.48 13.79
N TYR D 215 1.40 12.17 13.63
CA TYR D 215 2.61 11.54 13.13
C TYR D 215 2.27 10.71 11.89
N ILE D 216 2.83 11.11 10.76
CA ILE D 216 2.61 10.43 9.48
C ILE D 216 3.97 10.04 8.91
N CYS D 217 4.12 8.76 8.59
CA CYS D 217 5.30 8.32 7.86
C CYS D 217 4.98 8.38 6.37
N ASN D 218 5.91 8.93 5.62
CA ASN D 218 5.81 9.05 4.17
C ASN D 218 6.78 8.02 3.61
N VAL D 219 6.25 6.96 3.03
CA VAL D 219 7.04 5.86 2.51
C VAL D 219 7.13 6.00 1.00
N ASN D 220 8.35 6.01 0.48
CA ASN D 220 8.59 6.18 -0.96
C ASN D 220 9.27 4.92 -1.48
N HIS D 221 8.64 4.28 -2.45
CA HIS D 221 9.21 3.12 -3.14
C HIS D 221 9.25 3.45 -4.61
N LYS D 222 10.28 4.16 -5.03
CA LYS D 222 10.36 4.58 -6.43
C LYS D 222 10.38 3.41 -7.40
N PRO D 223 11.05 2.27 -7.13
CA PRO D 223 11.04 1.18 -8.12
C PRO D 223 9.66 0.75 -8.61
N SER D 224 8.64 0.82 -7.76
CA SER D 224 7.27 0.47 -8.13
C SER D 224 6.38 1.68 -8.31
N ASN D 225 6.94 2.89 -8.24
CA ASN D 225 6.18 4.12 -8.35
C ASN D 225 5.03 4.14 -7.34
N THR D 226 5.36 3.80 -6.09
CA THR D 226 4.39 3.75 -5.00
C THR D 226 4.80 4.73 -3.92
N LYS D 227 3.85 5.53 -3.49
CA LYS D 227 4.05 6.42 -2.36
C LYS D 227 2.94 6.15 -1.37
N VAL D 228 3.30 5.85 -0.12
CA VAL D 228 2.31 5.59 0.91
C VAL D 228 2.51 6.59 2.05
N ASP D 229 1.41 7.22 2.49
CA ASP D 229 1.36 8.05 3.68
C ASP D 229 0.47 7.35 4.70
N LYS D 230 0.99 7.14 5.90
CA LYS D 230 0.28 6.40 6.94
C LYS D 230 0.37 7.17 8.24
N ARG D 231 -0.76 7.54 8.81
CA ARG D 231 -0.75 8.20 10.10
C ARG D 231 -0.68 7.15 11.20
N VAL D 232 0.28 7.31 12.10
CA VAL D 232 0.48 6.41 13.23
C VAL D 232 -0.04 7.11 14.48
N GLU D 233 -1.02 6.49 15.12
CA GLU D 233 -1.59 7.03 16.33
C GLU D 233 -1.69 5.92 17.36
N PRO D 234 -1.83 6.29 18.63
CA PRO D 234 -2.01 5.25 19.66
C PRO D 234 -3.37 4.60 19.58
N LYS D 235 -3.43 3.35 20.05
CA LYS D 235 -4.73 2.68 20.25
C LYS D 235 -4.70 1.78 21.45
N SER E 1 38.13 -17.87 -4.60
CA SER E 1 37.55 -16.57 -4.24
C SER E 1 38.61 -15.47 -4.26
N TYR E 2 39.36 -15.32 -3.16
CA TYR E 2 40.36 -14.26 -3.03
C TYR E 2 41.74 -14.89 -3.01
N GLU E 3 42.62 -14.39 -3.87
CA GLU E 3 43.94 -14.99 -4.08
C GLU E 3 45.02 -14.32 -3.25
N LEU E 4 44.69 -13.26 -2.54
CA LEU E 4 45.51 -12.70 -1.48
C LEU E 4 44.83 -13.05 -0.17
N THR E 5 45.61 -13.28 0.87
CA THR E 5 45.09 -13.60 2.20
C THR E 5 45.41 -12.47 3.16
N GLN E 6 44.41 -12.01 3.88
CA GLN E 6 44.59 -11.08 4.98
C GLN E 6 43.73 -11.55 6.14
N PRO E 7 44.07 -11.17 7.39
CA PRO E 7 43.24 -11.56 8.53
C PRO E 7 41.84 -10.99 8.38
N PRO E 8 40.81 -11.77 8.76
CA PRO E 8 39.43 -11.26 8.67
C PRO E 8 39.17 -10.02 9.50
N SER E 9 39.87 -9.89 10.62
CA SER E 9 39.54 -8.79 11.52
C SER E 9 40.79 -8.33 12.26
N ALA E 10 40.75 -7.06 12.65
CA ALA E 10 41.76 -6.49 13.53
C ALA E 10 41.04 -5.49 14.42
N SER E 11 41.65 -5.16 15.56
CA SER E 11 40.99 -4.26 16.48
C SER E 11 42.02 -3.50 17.31
N GLY E 12 41.58 -2.39 17.88
CA GLY E 12 42.39 -1.61 18.81
C GLY E 12 41.56 -0.48 19.39
N THR E 13 42.16 0.19 20.30
CA THR E 13 41.67 1.41 20.89
C THR E 13 42.40 2.59 20.28
N PRO E 14 41.77 3.76 20.21
CA PRO E 14 42.43 4.93 19.57
C PRO E 14 43.83 5.15 20.12
N GLY E 15 44.78 5.41 19.23
CA GLY E 15 46.15 5.64 19.61
C GLY E 15 47.05 4.43 19.42
N GLN E 16 46.49 3.23 19.41
CA GLN E 16 47.32 2.07 19.18
C GLN E 16 47.81 2.04 17.73
N ARG E 17 48.86 1.26 17.51
CA ARG E 17 49.37 0.96 16.18
C ARG E 17 48.78 -0.37 15.73
N VAL E 18 48.12 -0.37 14.57
CA VAL E 18 47.57 -1.58 13.98
C VAL E 18 48.27 -1.86 12.65
N THR E 19 48.69 -3.12 12.47
CA THR E 19 49.25 -3.60 11.21
C THR E 19 48.37 -4.71 10.67
N ILE E 20 48.22 -4.76 9.34
CA ILE E 20 47.38 -5.72 8.64
C ILE E 20 48.24 -6.37 7.57
N SER E 21 48.38 -7.68 7.63
CA SER E 21 49.22 -8.41 6.70
C SER E 21 48.42 -8.82 5.47
N CYS E 22 49.15 -9.04 4.37
CA CYS E 22 48.57 -9.43 3.08
C CYS E 22 49.55 -10.38 2.41
N SER E 23 49.17 -11.65 2.24
CA SER E 23 50.07 -12.66 1.71
C SER E 23 49.69 -13.03 0.29
N GLY E 24 50.69 -13.01 -0.60
CA GLY E 24 50.50 -13.34 -2.00
C GLY E 24 51.49 -14.39 -2.46
N SER E 25 51.85 -14.29 -3.72
CA SER E 25 52.76 -15.24 -4.34
C SER E 25 53.72 -14.46 -5.24
N SER E 26 54.60 -15.20 -5.92
CA SER E 26 55.64 -14.57 -6.71
C SER E 26 55.09 -13.89 -7.96
N SER E 27 53.88 -14.27 -8.40
CA SER E 27 53.29 -13.71 -9.60
C SER E 27 52.40 -12.51 -9.32
N ASN E 28 52.16 -12.15 -8.06
CA ASN E 28 51.45 -10.92 -7.76
C ASN E 28 52.39 -10.04 -6.93
N ILE E 29 52.26 -10.03 -5.60
CA ILE E 29 53.05 -9.13 -4.78
C ILE E 29 54.54 -9.33 -5.03
N GLY E 30 54.97 -10.57 -5.21
CA GLY E 30 56.40 -10.83 -5.43
C GLY E 30 57.00 -10.02 -6.56
N ASN E 31 56.30 -9.93 -7.70
CA ASN E 31 56.84 -9.24 -8.87
C ASN E 31 56.02 -8.01 -9.28
N ASN E 32 55.08 -7.56 -8.44
CA ASN E 32 54.27 -6.40 -8.79
C ASN E 32 54.19 -5.44 -7.61
N TYR E 33 52.97 -5.01 -7.22
CA TYR E 33 52.82 -4.05 -6.13
C TYR E 33 51.69 -4.50 -5.20
N VAL E 34 51.71 -3.94 -3.99
CA VAL E 34 50.60 -4.05 -3.07
C VAL E 34 49.91 -2.71 -3.02
N HIS E 35 48.61 -2.69 -3.32
CA HIS E 35 47.79 -1.52 -3.06
C HIS E 35 46.76 -1.87 -2.00
N TRP E 36 46.27 -0.84 -1.31
CA TRP E 36 45.29 -1.01 -0.25
C TRP E 36 44.10 -0.11 -0.51
N TYR E 37 42.91 -0.66 -0.28
CA TYR E 37 41.68 0.10 -0.38
C TYR E 37 40.97 0.10 0.97
N GLN E 38 40.46 1.26 1.34
CA GLN E 38 39.67 1.42 2.55
C GLN E 38 38.24 1.67 2.12
N GLN E 39 37.32 0.89 2.69
CA GLN E 39 35.88 1.05 2.46
C GLN E 39 35.22 1.40 3.79
N LEU E 40 34.89 2.67 3.95
CA LEU E 40 34.14 3.11 5.10
C LEU E 40 32.71 2.57 5.02
N PRO E 41 32.03 2.47 6.17
CA PRO E 41 30.65 1.96 6.16
C PRO E 41 29.77 2.76 5.20
N GLY E 42 28.95 2.03 4.44
CA GLY E 42 28.04 2.63 3.50
C GLY E 42 28.70 3.39 2.37
N SER E 43 29.97 3.13 2.08
CA SER E 43 30.70 3.87 1.07
C SER E 43 31.31 2.93 0.03
N ALA E 44 31.70 3.53 -1.08
CA ALA E 44 32.52 2.85 -2.05
C ALA E 44 33.96 2.76 -1.54
N PRO E 45 34.71 1.76 -1.97
CA PRO E 45 36.12 1.71 -1.59
C PRO E 45 36.87 2.88 -2.22
N LYS E 46 37.97 3.26 -1.57
CA LYS E 46 38.83 4.33 -2.08
C LYS E 46 40.29 3.95 -1.90
N LEU E 47 41.13 4.45 -2.80
CA LEU E 47 42.56 4.17 -2.73
C LEU E 47 43.16 4.79 -1.47
N LEU E 48 43.83 3.96 -0.69
CA LEU E 48 44.45 4.35 0.58
C LEU E 48 45.97 4.36 0.49
N ILE E 49 46.54 3.30 -0.07
CA ILE E 49 47.98 3.18 -0.27
C ILE E 49 48.17 2.53 -1.63
N TYR E 50 49.10 3.06 -2.42
CA TYR E 50 49.42 2.44 -3.69
C TYR E 50 50.93 2.24 -3.80
N ARG E 51 51.31 1.30 -4.66
CA ARG E 51 52.72 1.01 -4.95
C ARG E 51 53.51 0.75 -3.68
N ASN E 52 52.93 -0.11 -2.82
CA ASN E 52 53.52 -0.58 -1.56
C ASN E 52 53.42 0.46 -0.46
N ASN E 53 53.84 1.70 -0.73
CA ASN E 53 54.03 2.65 0.35
C ASN E 53 53.73 4.08 -0.02
N GLN E 54 53.04 4.34 -1.12
CA GLN E 54 52.70 5.69 -1.53
C GLN E 54 51.33 6.09 -0.98
N ARG E 55 51.25 7.31 -0.49
CA ARG E 55 50.03 7.85 0.09
C ARG E 55 49.37 8.85 -0.86
N PRO E 56 48.14 8.63 -1.32
CA PRO E 56 47.46 9.66 -2.10
C PRO E 56 47.16 10.90 -1.26
N SER E 57 46.94 12.01 -1.97
CA SER E 57 46.52 13.25 -1.33
C SER E 57 45.24 13.02 -0.55
N GLY E 58 45.22 13.48 0.69
CA GLY E 58 44.05 13.36 1.52
C GLY E 58 44.04 12.13 2.42
N VAL E 59 45.05 11.29 2.37
CA VAL E 59 45.16 10.13 3.24
C VAL E 59 46.07 10.52 4.41
N PRO E 60 45.60 10.50 5.65
CA PRO E 60 46.45 10.96 6.75
C PRO E 60 47.76 10.17 6.79
N ASP E 61 48.82 10.84 7.24
CA ASP E 61 50.13 10.20 7.38
C ASP E 61 50.17 9.09 8.42
N ARG E 62 49.10 8.89 9.19
CA ARG E 62 49.04 7.74 10.08
C ARG E 62 49.00 6.43 9.31
N PHE E 63 48.57 6.45 8.05
CA PHE E 63 48.54 5.25 7.23
C PHE E 63 49.86 5.07 6.50
N SER E 64 50.43 3.88 6.58
CA SER E 64 51.64 3.60 5.82
C SER E 64 51.61 2.14 5.39
N GLY E 65 52.42 1.86 4.37
CA GLY E 65 52.48 0.53 3.81
C GLY E 65 53.91 0.09 3.57
N SER E 66 54.07 -1.23 3.42
CA SER E 66 55.35 -1.77 3.05
C SER E 66 55.11 -3.08 2.32
N LYS E 67 56.14 -3.53 1.63
CA LYS E 67 56.16 -4.81 0.94
C LYS E 67 57.48 -5.51 1.26
N SER E 68 57.41 -6.83 1.49
CA SER E 68 58.61 -7.64 1.68
C SER E 68 58.40 -9.00 1.03
N GLY E 69 59.16 -9.26 -0.05
CA GLY E 69 58.99 -10.55 -0.71
C GLY E 69 57.60 -10.66 -1.31
N THR E 70 56.91 -11.76 -0.99
CA THR E 70 55.55 -11.98 -1.45
C THR E 70 54.51 -11.52 -0.43
N SER E 71 54.87 -10.64 0.49
CA SER E 71 53.94 -10.14 1.50
C SER E 71 53.99 -8.62 1.59
N GLY E 72 52.87 -8.04 2.00
CA GLY E 72 52.79 -6.62 2.24
C GLY E 72 52.13 -6.37 3.58
N SER E 73 52.19 -5.12 4.02
CA SER E 73 51.66 -4.78 5.33
C SER E 73 51.10 -3.37 5.33
N LEU E 74 49.88 -3.20 5.85
CA LEU E 74 49.33 -1.87 6.11
C LEU E 74 49.55 -1.54 7.57
N ALA E 75 50.06 -0.35 7.85
CA ALA E 75 50.27 0.09 9.23
C ALA E 75 49.42 1.33 9.49
N ILE E 76 48.61 1.27 10.55
CA ILE E 76 47.88 2.44 11.04
C ILE E 76 48.54 2.82 12.35
N SER E 77 49.42 3.81 12.30
CA SER E 77 50.07 4.29 13.51
C SER E 77 49.15 5.33 14.13
N GLY E 78 48.74 5.08 15.37
CA GLY E 78 47.79 6.00 15.99
C GLY E 78 46.37 5.86 15.49
N LEU E 79 45.77 4.72 15.80
CA LEU E 79 44.39 4.41 15.41
C LEU E 79 43.41 5.50 15.84
N ARG E 80 42.43 5.76 14.97
CA ARG E 80 41.33 6.69 15.23
C ARG E 80 40.01 5.97 15.03
N SER E 81 38.96 6.47 15.70
CA SER E 81 37.65 5.83 15.58
C SER E 81 37.17 5.78 14.14
N GLU E 82 37.47 6.81 13.35
CA GLU E 82 36.99 6.77 11.97
C GLU E 82 37.75 5.76 11.11
N ASP E 83 38.78 5.12 11.63
CA ASP E 83 39.48 4.04 10.92
C ASP E 83 38.70 2.74 10.95
N GLU E 84 37.57 2.71 11.66
CA GLU E 84 36.70 1.54 11.64
C GLU E 84 36.18 1.38 10.23
N ALA E 85 36.63 0.36 9.53
CA ALA E 85 36.39 0.21 8.11
C ALA E 85 36.87 -1.16 7.68
N ASP E 86 36.58 -1.47 6.41
CA ASP E 86 37.12 -2.65 5.75
C ASP E 86 38.30 -2.22 4.90
N TYR E 87 39.37 -3.01 4.95
CA TYR E 87 40.61 -2.74 4.25
C TYR E 87 40.89 -3.91 3.33
N TYR E 88 41.11 -3.61 2.06
CA TYR E 88 41.40 -4.64 1.06
C TYR E 88 42.79 -4.40 0.50
N CYS E 89 43.61 -5.44 0.49
CA CYS E 89 44.85 -5.35 -0.27
C CYS E 89 44.64 -5.89 -1.69
N ALA E 90 45.53 -5.47 -2.60
CA ALA E 90 45.37 -5.83 -4.00
C ALA E 90 46.71 -5.81 -4.70
N SER E 91 46.79 -6.59 -5.78
CA SER E 91 48.00 -6.71 -6.57
C SER E 91 47.59 -7.13 -7.97
N TRP E 92 48.50 -6.92 -8.93
CA TRP E 92 48.29 -7.35 -10.31
C TRP E 92 49.06 -8.64 -10.55
N ASP E 93 48.34 -9.72 -10.79
CA ASP E 93 48.93 -11.04 -10.99
C ASP E 93 49.17 -11.25 -12.49
N ASP E 94 50.38 -11.69 -12.85
CA ASP E 94 50.72 -11.87 -14.26
C ASP E 94 50.73 -13.32 -14.70
N SER E 95 50.41 -14.27 -13.82
CA SER E 95 50.36 -15.67 -14.19
C SER E 95 49.16 -15.94 -15.09
N LEU E 96 49.36 -16.78 -16.11
CA LEU E 96 48.38 -17.02 -17.18
C LEU E 96 48.08 -15.66 -17.80
N SER E 97 46.85 -15.17 -17.75
CA SER E 97 46.58 -13.83 -18.22
C SER E 97 46.79 -12.86 -17.07
N GLY E 98 46.74 -11.56 -17.38
CA GLY E 98 46.87 -10.57 -16.34
C GLY E 98 45.55 -10.41 -15.60
N HIS E 99 45.59 -10.41 -14.27
CA HIS E 99 44.35 -10.21 -13.54
C HIS E 99 44.61 -9.56 -12.18
N TRP E 100 43.70 -8.68 -11.79
CA TRP E 100 43.73 -8.11 -10.46
C TRP E 100 43.32 -9.16 -9.43
N VAL E 101 44.12 -9.30 -8.38
CA VAL E 101 43.77 -10.15 -7.25
C VAL E 101 43.60 -9.29 -6.01
N PHE E 102 42.75 -9.76 -5.10
CA PHE E 102 42.38 -9.04 -3.89
C PHE E 102 42.51 -9.96 -2.68
N GLY E 103 42.80 -9.38 -1.54
CA GLY E 103 42.56 -10.06 -0.29
C GLY E 103 41.08 -10.17 0.04
N GLY E 104 40.75 -11.11 0.91
CA GLY E 104 39.38 -11.23 1.40
C GLY E 104 38.93 -10.09 2.30
N GLY E 105 39.82 -9.17 2.66
CA GLY E 105 39.40 -8.04 3.46
C GLY E 105 39.59 -8.20 4.95
N THR E 106 39.94 -7.10 5.62
CA THR E 106 40.12 -7.05 7.06
C THR E 106 39.18 -5.98 7.59
N LYS E 107 38.22 -6.39 8.42
CA LYS E 107 37.36 -5.45 9.14
C LYS E 107 38.09 -4.97 10.41
N VAL E 108 38.36 -3.67 10.49
CA VAL E 108 39.01 -3.07 11.65
C VAL E 108 37.95 -2.49 12.58
N THR E 109 37.97 -2.90 13.85
CA THR E 109 37.10 -2.32 14.88
C THR E 109 37.93 -1.42 15.80
N VAL E 110 37.46 -0.20 16.02
CA VAL E 110 38.13 0.74 16.93
C VAL E 110 37.27 0.86 18.18
N LEU E 111 37.78 0.36 19.30
CA LEU E 111 37.02 0.36 20.57
C LEU E 111 37.28 1.71 21.25
N GLY E 112 36.54 2.72 20.79
CA GLY E 112 36.74 4.07 21.29
C GLY E 112 35.57 4.67 22.05
N GLN E 113 34.67 3.83 22.57
CA GLN E 113 33.49 4.24 23.32
C GLN E 113 33.35 3.35 24.53
N PRO E 114 32.75 3.85 25.60
CA PRO E 114 32.47 2.97 26.74
C PRO E 114 31.40 1.97 26.36
N LYS E 115 31.40 0.83 27.05
CA LYS E 115 30.36 -0.16 26.82
C LYS E 115 29.01 0.49 27.07
N ALA E 116 28.01 0.11 26.26
CA ALA E 116 26.65 0.63 26.43
C ALA E 116 25.65 -0.47 26.13
N ALA E 117 24.81 -0.81 27.12
CA ALA E 117 23.81 -1.85 26.98
C ALA E 117 22.75 -1.49 25.94
N PRO E 118 22.18 -2.49 25.26
CA PRO E 118 21.21 -2.20 24.21
C PRO E 118 19.88 -1.69 24.74
N SER E 119 19.28 -0.79 23.96
CA SER E 119 17.91 -0.36 24.14
C SER E 119 17.01 -1.20 23.25
N VAL E 120 15.97 -1.82 23.82
CA VAL E 120 15.10 -2.73 23.07
C VAL E 120 13.66 -2.24 23.09
N THR E 121 13.05 -2.19 21.91
CA THR E 121 11.64 -1.85 21.74
C THR E 121 10.99 -2.93 20.89
N LEU E 122 9.94 -3.55 21.40
CA LEU E 122 9.27 -4.67 20.75
C LEU E 122 7.83 -4.27 20.42
N PHE E 123 7.50 -4.30 19.13
CA PHE E 123 6.15 -4.04 18.66
C PHE E 123 5.44 -5.35 18.32
N PRO E 124 4.19 -5.45 18.77
CA PRO E 124 3.35 -6.58 18.38
C PRO E 124 2.83 -6.39 16.97
N PRO E 125 2.24 -7.42 16.38
CA PRO E 125 1.55 -7.23 15.08
C PRO E 125 0.43 -6.22 15.21
N SER E 126 0.36 -5.29 14.25
CA SER E 126 -0.80 -4.40 14.21
C SER E 126 -2.05 -5.19 13.83
N SER E 127 -3.20 -4.73 14.33
CA SER E 127 -4.48 -5.34 13.93
C SER E 127 -4.70 -5.21 12.44
N GLU E 128 -4.20 -4.13 11.84
CA GLU E 128 -4.28 -4.01 10.39
C GLU E 128 -3.61 -5.21 9.73
N GLU E 129 -2.40 -5.57 10.20
CA GLU E 129 -1.68 -6.68 9.58
C GLU E 129 -2.35 -8.02 9.84
N LEU E 130 -2.89 -8.21 11.04
CA LEU E 130 -3.62 -9.45 11.33
C LEU E 130 -4.81 -9.60 10.39
N GLN E 131 -5.50 -8.50 10.10
CA GLN E 131 -6.61 -8.54 9.15
C GLN E 131 -6.14 -8.96 7.76
N ALA E 132 -4.85 -8.76 7.45
CA ALA E 132 -4.24 -9.25 6.22
C ALA E 132 -3.80 -10.70 6.33
N ASN E 133 -4.14 -11.39 7.42
CA ASN E 133 -3.78 -12.80 7.64
C ASN E 133 -2.27 -12.98 7.75
N LYS E 134 -1.59 -11.98 8.32
CA LYS E 134 -0.15 -12.05 8.57
C LYS E 134 0.14 -11.52 9.96
N ALA E 135 1.35 -11.77 10.45
CA ALA E 135 1.72 -11.27 11.77
C ALA E 135 3.23 -11.14 11.84
N THR E 136 3.72 -9.94 12.12
CA THR E 136 5.14 -9.68 12.24
C THR E 136 5.42 -8.98 13.56
N LEU E 137 6.31 -9.55 14.36
CA LEU E 137 6.87 -8.88 15.52
C LEU E 137 8.16 -8.15 15.12
N VAL E 138 8.29 -6.90 15.55
CA VAL E 138 9.40 -6.04 15.15
C VAL E 138 10.16 -5.64 16.42
N CYS E 139 11.43 -6.04 16.49
CA CYS E 139 12.28 -5.77 17.64
C CYS E 139 13.36 -4.80 17.18
N LEU E 140 13.32 -3.58 17.66
CA LEU E 140 14.34 -2.60 17.33
C LEU E 140 15.33 -2.53 18.49
N ILE E 141 16.63 -2.51 18.16
CA ILE E 141 17.72 -2.59 19.11
C ILE E 141 18.63 -1.42 18.84
N SER E 142 18.81 -0.55 19.83
CA SER E 142 19.59 0.66 19.59
C SER E 142 20.51 0.98 20.77
N ASP E 143 21.43 1.92 20.51
CA ASP E 143 22.25 2.58 21.51
C ASP E 143 23.16 1.61 22.27
N PHE E 144 23.64 0.55 21.62
CA PHE E 144 24.53 -0.36 22.30
C PHE E 144 25.95 -0.18 21.79
N TYR E 145 26.91 -0.62 22.60
CA TYR E 145 28.33 -0.55 22.24
C TYR E 145 29.14 -1.54 23.07
N PRO E 146 30.00 -2.37 22.44
CA PRO E 146 30.28 -2.46 20.99
C PRO E 146 29.13 -3.01 20.16
N GLY E 147 29.38 -3.18 18.86
CA GLY E 147 28.32 -3.45 17.91
C GLY E 147 28.04 -4.89 17.57
N ALA E 148 28.06 -5.76 18.58
CA ALA E 148 27.76 -7.17 18.38
C ALA E 148 26.66 -7.57 19.35
N VAL E 149 25.56 -8.11 18.80
CA VAL E 149 24.47 -8.64 19.60
C VAL E 149 24.00 -9.94 18.95
N THR E 150 23.39 -10.79 19.76
CA THR E 150 22.66 -11.92 19.22
C THR E 150 21.23 -11.83 19.72
N VAL E 151 20.30 -12.16 18.84
CA VAL E 151 18.88 -12.02 19.11
C VAL E 151 18.25 -13.40 19.21
N ALA E 152 17.50 -13.63 20.29
CA ALA E 152 16.76 -14.87 20.49
C ALA E 152 15.30 -14.54 20.68
N TRP E 153 14.43 -15.24 19.96
CA TRP E 153 12.99 -15.04 20.02
C TRP E 153 12.36 -16.16 20.80
N LYS E 154 11.32 -15.84 21.59
CA LYS E 154 10.67 -16.80 22.44
C LYS E 154 9.15 -16.71 22.33
N ALA E 155 8.52 -17.87 22.17
CA ALA E 155 7.09 -18.02 22.35
C ALA E 155 6.90 -18.48 23.80
N ASP E 156 6.28 -17.62 24.62
CA ASP E 156 6.30 -17.74 26.06
C ASP E 156 7.76 -17.81 26.51
N SER E 157 8.28 -19.02 26.79
CA SER E 157 9.69 -19.16 27.08
C SER E 157 10.39 -20.16 26.16
N SER E 158 9.70 -20.67 25.13
CA SER E 158 10.33 -21.66 24.25
C SER E 158 10.98 -20.98 23.05
N PRO E 159 12.13 -21.49 22.61
CA PRO E 159 12.82 -20.90 21.46
C PRO E 159 12.02 -20.95 20.17
N VAL E 160 12.21 -19.91 19.35
CA VAL E 160 11.67 -19.88 17.98
C VAL E 160 12.79 -19.46 17.05
N LYS E 161 13.15 -20.33 16.12
CA LYS E 161 14.17 -20.02 15.13
C LYS E 161 13.62 -19.85 13.72
N ALA E 162 12.45 -20.42 13.44
CA ALA E 162 11.82 -20.26 12.14
C ALA E 162 11.18 -18.88 12.04
N GLY E 163 11.28 -18.29 10.85
CA GLY E 163 10.68 -17.00 10.60
C GLY E 163 11.37 -15.81 11.26
N VAL E 164 12.67 -15.94 11.53
CA VAL E 164 13.46 -14.87 12.13
C VAL E 164 14.36 -14.24 11.06
N GLU E 165 14.34 -12.91 10.99
CA GLU E 165 15.27 -12.17 10.15
C GLU E 165 15.82 -11.03 10.99
N THR E 166 17.14 -10.92 11.09
CA THR E 166 17.74 -9.86 11.87
C THR E 166 18.85 -9.18 11.07
N THR E 167 18.92 -7.86 11.15
CA THR E 167 19.89 -7.08 10.40
C THR E 167 21.23 -7.00 11.11
N THR E 168 22.26 -6.77 10.32
CA THR E 168 23.58 -6.52 10.86
C THR E 168 23.60 -5.18 11.58
N PRO E 169 24.27 -5.08 12.72
CA PRO E 169 24.34 -3.78 13.39
C PRO E 169 25.10 -2.76 12.55
N SER E 170 24.63 -1.52 12.61
CA SER E 170 25.27 -0.38 11.96
C SER E 170 25.38 0.76 12.95
N LYS E 171 26.42 1.56 12.79
CA LYS E 171 26.67 2.65 13.71
C LYS E 171 25.73 3.82 13.43
N GLN E 172 25.18 4.37 14.50
CA GLN E 172 24.28 5.51 14.47
C GLN E 172 25.10 6.80 14.56
N SER E 173 24.41 7.94 14.49
CA SER E 173 25.11 9.23 14.56
C SER E 173 25.75 9.46 15.93
N ASN E 174 25.20 8.91 17.01
CA ASN E 174 25.81 9.05 18.33
C ASN E 174 26.95 8.06 18.59
N ASN E 175 27.50 7.43 17.53
CA ASN E 175 28.62 6.50 17.59
C ASN E 175 28.29 5.18 18.27
N LYS E 176 27.05 4.97 18.67
CA LYS E 176 26.60 3.68 19.18
C LYS E 176 25.90 2.92 18.04
N TYR E 177 25.59 1.65 18.29
CA TYR E 177 25.06 0.79 17.23
C TYR E 177 23.56 0.53 17.38
N ALA E 178 22.96 0.12 16.26
CA ALA E 178 21.55 -0.24 16.18
C ALA E 178 21.38 -1.43 15.26
N ALA E 179 20.33 -2.20 15.52
CA ALA E 179 19.95 -3.33 14.68
C ALA E 179 18.46 -3.58 14.85
N SER E 180 17.93 -4.49 14.03
CA SER E 180 16.52 -4.84 14.09
C SER E 180 16.36 -6.32 13.84
N SER E 181 15.28 -6.88 14.38
CA SER E 181 14.94 -8.28 14.17
C SER E 181 13.44 -8.45 14.02
N TYR E 182 13.05 -9.44 13.21
CA TYR E 182 11.67 -9.67 12.82
C TYR E 182 11.31 -11.12 13.07
N LEU E 183 10.17 -11.36 13.72
CA LEU E 183 9.60 -12.69 13.87
C LEU E 183 8.28 -12.71 13.11
N SER E 184 8.26 -13.53 12.06
CA SER E 184 7.07 -13.75 11.24
C SER E 184 6.27 -14.93 11.80
N LEU E 185 4.98 -14.72 12.04
CA LEU E 185 4.11 -15.74 12.61
C LEU E 185 2.80 -15.80 11.83
N THR E 186 2.08 -16.92 11.99
CA THR E 186 0.69 -16.81 11.55
C THR E 186 -0.13 -16.14 12.66
N PRO E 187 -1.23 -15.49 12.31
CA PRO E 187 -2.08 -14.91 13.36
C PRO E 187 -2.52 -15.93 14.40
N GLU E 188 -2.73 -17.18 14.01
CA GLU E 188 -3.14 -18.20 14.98
C GLU E 188 -2.01 -18.51 15.94
N GLN E 189 -0.78 -18.63 15.42
CA GLN E 189 0.38 -18.78 16.31
C GLN E 189 0.45 -17.62 17.27
N TRP E 190 0.28 -16.40 16.75
CA TRP E 190 0.38 -15.21 17.59
C TRP E 190 -0.64 -15.27 18.72
N LYS E 191 -1.89 -15.64 18.42
CA LYS E 191 -2.95 -15.68 19.41
C LYS E 191 -2.86 -16.90 20.33
N SER E 192 -2.16 -17.95 19.92
CA SER E 192 -2.14 -19.18 20.71
C SER E 192 -1.11 -19.14 21.85
N HIS E 193 -0.44 -18.02 22.11
CA HIS E 193 0.54 -17.94 23.18
C HIS E 193 0.25 -16.73 24.05
N ARG E 194 0.57 -16.87 25.33
CA ARG E 194 0.35 -15.75 26.25
C ARG E 194 1.25 -14.58 25.92
N SER E 195 2.46 -14.85 25.46
CA SER E 195 3.39 -13.78 25.17
C SER E 195 4.47 -14.29 24.23
N TYR E 196 5.14 -13.35 23.58
CA TYR E 196 6.34 -13.58 22.79
C TYR E 196 7.39 -12.61 23.29
N SER E 197 8.66 -13.00 23.19
CA SER E 197 9.71 -12.14 23.71
C SER E 197 10.88 -12.04 22.75
N CYS E 198 11.47 -10.86 22.72
CA CYS E 198 12.69 -10.60 21.98
C CYS E 198 13.80 -10.46 23.02
N GLN E 199 14.80 -11.33 22.94
CA GLN E 199 15.94 -11.34 23.85
C GLN E 199 17.19 -10.91 23.12
N VAL E 200 17.81 -9.84 23.59
CA VAL E 200 19.04 -9.33 22.99
C VAL E 200 20.15 -9.54 23.97
N THR E 201 21.18 -10.26 23.56
CA THR E 201 22.34 -10.52 24.40
C THR E 201 23.50 -9.70 23.86
N HIS E 202 24.11 -8.94 24.75
CA HIS E 202 25.19 -8.01 24.43
C HIS E 202 26.23 -8.10 25.53
N GLU E 203 27.43 -8.56 25.20
CA GLU E 203 28.53 -8.69 26.16
C GLU E 203 28.11 -9.53 27.38
N GLY E 204 27.53 -10.70 27.10
CA GLY E 204 27.15 -11.61 28.15
C GLY E 204 26.00 -11.18 29.03
N SER E 205 25.35 -10.05 28.73
CA SER E 205 24.18 -9.61 29.47
C SER E 205 23.01 -9.51 28.50
N THR E 206 21.83 -9.91 28.96
CA THR E 206 20.64 -10.01 28.13
C THR E 206 19.58 -9.01 28.56
N VAL E 207 19.04 -8.29 27.59
CA VAL E 207 17.89 -7.40 27.76
C VAL E 207 16.70 -8.01 27.03
N GLU E 208 15.54 -8.03 27.66
CA GLU E 208 14.37 -8.72 27.13
C GLU E 208 13.17 -7.77 27.02
N LYS E 209 12.42 -7.88 25.92
CA LYS E 209 11.12 -7.24 25.82
C LYS E 209 10.06 -8.29 25.45
N THR E 210 8.84 -8.05 25.91
CA THR E 210 7.76 -9.01 25.81
C THR E 210 6.46 -8.32 25.37
N VAL E 211 5.74 -8.96 24.46
CA VAL E 211 4.46 -8.47 23.98
C VAL E 211 3.45 -9.59 24.10
N ALA E 212 2.18 -9.21 24.19
CA ALA E 212 1.11 -10.19 24.37
C ALA E 212 -0.09 -9.83 23.50
N PRO E 213 -0.82 -10.83 23.01
CA PRO E 213 -2.07 -10.55 22.28
C PRO E 213 -3.01 -9.65 23.07
N THR E 214 -3.31 -8.49 22.50
CA THR E 214 -3.99 -7.42 23.22
C THR E 214 -4.52 -6.36 22.26
N VAL F 1 75.22 -13.78 -1.61
CA VAL F 1 73.91 -13.52 -2.18
C VAL F 1 73.65 -14.36 -3.42
N SER F 2 72.40 -14.78 -3.58
CA SER F 2 71.99 -15.56 -4.74
C SER F 2 70.64 -15.04 -5.20
N TYR F 3 70.56 -14.66 -6.46
CA TYR F 3 69.33 -14.14 -7.05
C TYR F 3 68.51 -15.31 -7.57
N SER F 4 67.20 -15.21 -7.41
CA SER F 4 66.29 -16.16 -8.01
C SER F 4 65.90 -15.70 -9.41
N LEU F 5 65.31 -16.63 -10.17
CA LEU F 5 64.96 -16.36 -11.56
C LEU F 5 63.92 -15.26 -11.64
N CYS F 6 64.09 -14.34 -12.59
CA CYS F 6 63.06 -13.35 -12.85
C CYS F 6 61.78 -14.06 -13.32
N THR F 7 60.63 -13.54 -12.90
CA THR F 7 59.36 -14.22 -13.04
C THR F 7 58.39 -13.55 -13.99
N ALA F 8 58.54 -12.25 -14.23
CA ALA F 8 57.62 -11.54 -15.09
C ALA F 8 58.13 -11.57 -16.53
N ALA F 9 57.40 -10.90 -17.42
CA ALA F 9 57.68 -10.94 -18.86
C ALA F 9 58.88 -10.06 -19.20
N PHE F 10 59.63 -10.50 -20.20
CA PHE F 10 60.64 -9.68 -20.85
C PHE F 10 60.15 -9.26 -22.23
N THR F 11 60.77 -8.21 -22.76
CA THR F 11 60.50 -7.81 -24.13
C THR F 11 61.75 -7.19 -24.73
N PHE F 12 62.03 -7.49 -26.00
CA PHE F 12 63.15 -6.88 -26.69
C PHE F 12 62.86 -5.41 -26.93
N THR F 13 63.81 -4.54 -26.62
CA THR F 13 63.72 -3.13 -27.01
C THR F 13 64.57 -2.82 -28.21
N LYS F 14 65.36 -3.77 -28.69
CA LYS F 14 66.09 -3.65 -29.94
C LYS F 14 66.11 -5.02 -30.60
N ILE F 15 66.23 -5.01 -31.92
CA ILE F 15 66.47 -6.26 -32.63
C ILE F 15 67.86 -6.76 -32.25
N PRO F 16 68.02 -8.01 -31.82
CA PRO F 16 69.36 -8.49 -31.45
C PRO F 16 70.33 -8.26 -32.60
N ALA F 17 71.55 -7.84 -32.24
CA ALA F 17 72.52 -7.35 -33.21
C ALA F 17 73.82 -8.12 -33.06
N GLU F 18 74.36 -8.55 -34.20
CA GLU F 18 75.62 -9.27 -34.20
C GLU F 18 76.78 -8.34 -33.86
N THR F 19 77.70 -8.83 -33.02
CA THR F 19 78.89 -8.08 -32.64
C THR F 19 80.03 -8.38 -33.61
N LEU F 20 81.13 -7.63 -33.43
CA LEU F 20 82.35 -7.92 -34.18
C LEU F 20 82.86 -9.32 -33.89
N HIS F 21 82.56 -9.85 -32.71
CA HIS F 21 83.05 -11.15 -32.29
C HIS F 21 82.24 -12.32 -32.84
N GLY F 22 81.20 -12.04 -33.62
CA GLY F 22 80.27 -13.05 -34.09
C GLY F 22 79.27 -13.49 -33.03
N THR F 23 79.33 -12.90 -31.85
CA THR F 23 78.30 -13.09 -30.84
C THR F 23 77.14 -12.16 -31.14
N VAL F 24 76.10 -12.22 -30.30
CA VAL F 24 74.93 -11.36 -30.46
C VAL F 24 74.63 -10.68 -29.13
N THR F 25 74.39 -9.36 -29.19
CA THR F 25 73.99 -8.57 -28.04
C THR F 25 72.47 -8.35 -28.10
N VAL F 26 71.80 -8.54 -26.95
CA VAL F 26 70.36 -8.32 -26.88
C VAL F 26 70.05 -7.40 -25.71
N GLU F 27 69.08 -6.52 -25.92
CA GLU F 27 68.60 -5.59 -24.91
C GLU F 27 67.14 -5.92 -24.63
N VAL F 28 66.81 -6.10 -23.35
CA VAL F 28 65.46 -6.45 -22.93
C VAL F 28 65.00 -5.47 -21.86
N GLN F 29 63.71 -5.21 -21.84
CA GLN F 29 63.03 -4.50 -20.77
C GLN F 29 62.26 -5.53 -19.94
N TYR F 30 62.23 -5.37 -18.62
CA TYR F 30 61.68 -6.40 -17.74
C TYR F 30 60.48 -5.85 -16.99
N ALA F 31 59.39 -6.63 -16.97
CA ALA F 31 58.11 -6.17 -16.47
C ALA F 31 57.98 -6.21 -14.95
N GLY F 32 58.81 -6.99 -14.26
CA GLY F 32 58.61 -7.24 -12.85
C GLY F 32 59.32 -6.26 -11.93
N THR F 33 58.98 -6.40 -10.64
CA THR F 33 59.60 -5.65 -9.55
C THR F 33 60.42 -6.54 -8.65
N ASP F 34 60.45 -7.85 -8.90
CA ASP F 34 61.21 -8.79 -8.11
C ASP F 34 62.77 -8.70 -8.36
N GLY F 35 63.26 -7.69 -9.09
CA GLY F 35 64.67 -7.47 -9.15
C GLY F 35 65.21 -7.14 -7.77
N PRO F 36 66.51 -7.41 -7.53
CA PRO F 36 67.38 -8.04 -8.52
C PRO F 36 67.14 -9.55 -8.72
N CYS F 37 67.16 -10.00 -9.97
CA CYS F 37 66.86 -11.39 -10.26
C CYS F 37 67.64 -11.82 -11.49
N LYS F 38 67.70 -13.14 -11.70
CA LYS F 38 68.51 -13.72 -12.76
C LYS F 38 67.71 -13.76 -14.06
N VAL F 39 68.28 -13.20 -15.12
CA VAL F 39 67.61 -13.22 -16.42
C VAL F 39 67.79 -14.60 -17.03
N PRO F 40 66.71 -15.36 -17.25
CA PRO F 40 66.85 -16.65 -17.91
C PRO F 40 67.17 -16.41 -19.39
N ALA F 41 68.30 -16.93 -19.84
CA ALA F 41 68.73 -16.68 -21.20
C ALA F 41 69.52 -17.88 -21.70
N GLN F 42 69.22 -18.30 -22.93
CA GLN F 42 69.92 -19.40 -23.57
C GLN F 42 69.65 -19.34 -25.07
N MET F 43 70.45 -20.11 -25.81
CA MET F 43 70.13 -20.48 -27.18
C MET F 43 69.52 -21.86 -27.20
N ALA F 44 68.62 -22.10 -28.17
CA ALA F 44 68.08 -23.42 -28.38
C ALA F 44 67.80 -23.60 -29.87
N VAL F 45 67.75 -24.87 -30.29
CA VAL F 45 67.24 -25.21 -31.61
C VAL F 45 65.86 -25.88 -31.54
N ASP F 46 65.55 -26.59 -30.46
CA ASP F 46 64.28 -27.28 -30.25
C ASP F 46 63.49 -26.51 -29.20
N MET F 47 62.39 -25.88 -29.62
CA MET F 47 61.68 -25.00 -28.71
C MET F 47 60.84 -25.73 -27.67
N GLN F 48 60.65 -27.04 -27.79
CA GLN F 48 59.92 -27.78 -26.76
C GLN F 48 60.82 -28.43 -25.72
N THR F 49 62.04 -28.81 -26.07
CA THR F 49 62.96 -29.32 -25.06
C THR F 49 63.74 -28.19 -24.41
N LEU F 50 64.08 -27.17 -25.20
CA LEU F 50 64.91 -26.04 -24.77
C LEU F 50 66.28 -26.51 -24.29
N THR F 51 66.77 -27.61 -24.83
CA THR F 51 68.13 -28.05 -24.52
C THR F 51 69.11 -26.97 -24.96
N PRO F 52 69.96 -26.46 -24.08
CA PRO F 52 70.83 -25.35 -24.48
C PRO F 52 71.84 -25.76 -25.54
N VAL F 53 72.08 -24.84 -26.46
CA VAL F 53 73.17 -24.93 -27.42
C VAL F 53 73.90 -23.60 -27.37
N GLY F 54 75.08 -23.57 -27.96
CA GLY F 54 75.85 -22.37 -27.80
C GLY F 54 76.15 -22.19 -26.32
N ARG F 55 76.41 -20.94 -25.94
CA ARG F 55 76.64 -20.63 -24.54
C ARG F 55 76.35 -19.16 -24.30
N LEU F 56 76.34 -18.79 -23.03
CA LEU F 56 76.15 -17.41 -22.60
C LEU F 56 77.50 -16.75 -22.40
N ILE F 57 77.64 -15.52 -22.88
CA ILE F 57 78.84 -14.73 -22.60
C ILE F 57 78.70 -13.97 -21.28
N THR F 58 77.61 -13.22 -21.14
CA THR F 58 77.36 -12.46 -19.93
C THR F 58 77.31 -13.41 -18.75
N ALA F 59 78.29 -13.32 -17.86
CA ALA F 59 78.22 -14.15 -16.65
C ALA F 59 77.12 -13.60 -15.76
N ASN F 60 76.14 -14.46 -15.45
CA ASN F 60 75.03 -14.15 -14.58
C ASN F 60 74.32 -12.85 -14.99
N PRO F 61 73.60 -12.85 -16.11
CA PRO F 61 72.81 -11.68 -16.50
C PRO F 61 71.68 -11.45 -15.50
N VAL F 62 71.58 -10.22 -15.00
CA VAL F 62 70.64 -9.92 -13.92
C VAL F 62 69.92 -8.63 -14.24
N ILE F 63 68.65 -8.57 -13.86
CA ILE F 63 67.97 -7.29 -13.64
C ILE F 63 68.40 -6.80 -12.27
N THR F 64 68.82 -5.54 -12.19
CA THR F 64 69.31 -5.02 -10.92
C THR F 64 68.28 -4.17 -10.17
N GLU F 65 67.42 -3.47 -10.88
CA GLU F 65 66.44 -2.60 -10.23
C GLU F 65 65.32 -3.42 -9.62
N SER F 66 64.71 -2.88 -8.56
CA SER F 66 63.54 -3.46 -7.93
C SER F 66 62.24 -2.83 -8.43
N THR F 67 62.29 -2.16 -9.58
CA THR F 67 61.11 -1.56 -10.18
C THR F 67 60.94 -2.07 -11.60
N GLU F 68 59.76 -1.77 -12.16
CA GLU F 68 59.38 -2.27 -13.45
C GLU F 68 60.00 -1.44 -14.56
N ASN F 69 60.08 -2.05 -15.76
CA ASN F 69 60.54 -1.44 -16.99
C ASN F 69 62.02 -1.09 -16.97
N SER F 70 62.82 -1.73 -16.12
CA SER F 70 64.26 -1.55 -16.19
C SER F 70 64.80 -2.36 -17.36
N LYS F 71 65.95 -1.92 -17.89
CA LYS F 71 66.55 -2.50 -19.08
C LYS F 71 67.93 -3.05 -18.78
N MET F 72 68.20 -4.24 -19.32
CA MET F 72 69.53 -4.79 -19.24
C MET F 72 69.95 -5.34 -20.61
N MET F 73 71.25 -5.58 -20.73
CA MET F 73 71.84 -6.10 -21.96
C MET F 73 72.62 -7.36 -21.62
N LEU F 74 72.58 -8.35 -22.51
CA LEU F 74 73.39 -9.55 -22.34
C LEU F 74 73.91 -10.00 -23.70
N GLU F 75 74.85 -10.95 -23.65
CA GLU F 75 75.57 -11.40 -24.83
C GLU F 75 75.58 -12.93 -24.86
N LEU F 76 75.22 -13.50 -26.01
CA LEU F 76 75.22 -14.93 -26.19
C LEU F 76 76.17 -15.33 -27.31
N ASP F 77 76.64 -16.57 -27.22
CA ASP F 77 77.55 -17.16 -28.20
C ASP F 77 76.76 -18.22 -28.95
N PRO F 78 76.17 -17.90 -30.10
CA PRO F 78 75.26 -18.83 -30.76
C PRO F 78 76.03 -19.91 -31.51
N PRO F 79 75.48 -21.12 -31.60
CA PRO F 79 76.09 -22.11 -32.48
C PRO F 79 76.02 -21.63 -33.92
N PHE F 80 76.87 -22.22 -34.76
CA PHE F 80 76.78 -21.99 -36.18
C PHE F 80 75.46 -22.53 -36.72
N GLY F 81 74.90 -21.83 -37.69
CA GLY F 81 73.65 -22.27 -38.28
C GLY F 81 72.45 -21.64 -37.62
N ASP F 82 71.32 -22.36 -37.61
CA ASP F 82 70.06 -21.82 -37.15
C ASP F 82 69.81 -22.21 -35.69
N SER F 83 69.29 -21.26 -34.93
CA SER F 83 68.95 -21.48 -33.54
C SER F 83 68.01 -20.37 -33.11
N TYR F 84 67.62 -20.40 -31.84
CA TYR F 84 66.72 -19.42 -31.25
C TYR F 84 67.40 -18.76 -30.05
N ILE F 85 67.34 -17.43 -29.98
CA ILE F 85 67.57 -16.71 -28.73
C ILE F 85 66.31 -16.82 -27.89
N VAL F 86 66.46 -17.22 -26.63
CA VAL F 86 65.33 -17.44 -25.73
C VAL F 86 65.58 -16.68 -24.44
N ILE F 87 64.71 -15.72 -24.14
CA ILE F 87 64.76 -14.96 -22.90
C ILE F 87 63.48 -15.22 -22.13
N GLY F 88 63.60 -15.65 -20.88
CA GLY F 88 62.46 -15.91 -20.02
C GLY F 88 62.12 -17.39 -19.93
N VAL F 89 61.03 -17.66 -19.23
CA VAL F 89 60.54 -19.02 -19.02
C VAL F 89 59.02 -19.04 -19.21
N GLY F 90 58.51 -20.21 -19.56
CA GLY F 90 57.07 -20.36 -19.67
C GLY F 90 56.53 -19.65 -20.89
N GLU F 91 55.20 -19.48 -20.90
CA GLU F 91 54.53 -18.90 -22.05
C GLU F 91 54.91 -17.45 -22.28
N LYS F 92 55.56 -16.79 -21.32
CA LYS F 92 55.97 -15.41 -21.55
C LYS F 92 57.35 -15.28 -22.16
N LYS F 93 58.10 -16.38 -22.28
CA LYS F 93 59.43 -16.30 -22.86
C LYS F 93 59.33 -15.68 -24.25
N ILE F 94 60.31 -14.87 -24.58
CA ILE F 94 60.38 -14.30 -25.91
C ILE F 94 61.49 -15.01 -26.66
N THR F 95 61.31 -15.12 -27.98
CA THR F 95 62.24 -15.79 -28.86
C THR F 95 62.54 -14.92 -30.06
N HIS F 96 63.70 -15.17 -30.65
CA HIS F 96 64.09 -14.53 -31.90
C HIS F 96 64.97 -15.50 -32.65
N HIS F 97 64.59 -15.84 -33.88
CA HIS F 97 65.41 -16.70 -34.73
CA HIS F 97 65.44 -16.72 -34.67
C HIS F 97 66.79 -16.07 -34.91
N TRP F 98 67.82 -16.90 -34.92
CA TRP F 98 69.17 -16.43 -35.16
C TRP F 98 69.83 -17.37 -36.14
N HIS F 99 70.54 -16.80 -37.11
CA HIS F 99 71.41 -17.57 -38.00
C HIS F 99 72.82 -17.05 -37.87
N ARG F 100 73.76 -17.94 -37.56
CA ARG F 100 75.17 -17.57 -37.40
C ARG F 100 75.98 -18.12 -38.56
N SER F 101 76.75 -17.22 -39.19
CA SER F 101 77.77 -17.54 -40.22
C SER F 101 77.12 -17.75 -41.58
#